data_4HI2
#
_entry.id   4HI2
#
_cell.length_a   104.940
_cell.length_b   104.940
_cell.length_c   147.811
_cell.angle_alpha   90.00
_cell.angle_beta   90.00
_cell.angle_gamma   120.00
#
_symmetry.space_group_name_H-M   'P 31'
#
loop_
_entity.id
_entity.type
_entity.pdbx_description
1 polymer Acylphosphatase
2 non-polymer 'SULFATE ION'
#
_entity_poly.entity_id   1
_entity_poly.type   'polypeptide(L)'
_entity_poly.pdbx_seq_one_letter_code
;MEKQCSKFIVSGHVQGVGFCYHTSHQGLKLGLTGYAKNLNNGDVEVVACGTPERLEELYLWLQEGPKTASVRQVRRLSSE
LEHDYQGFEIL
;
_entity_poly.pdbx_strand_id   A,B,C,D,E,F,G,H,I,J,K,L
#
loop_
_chem_comp.id
_chem_comp.type
_chem_comp.name
_chem_comp.formula
SO4 non-polymer 'SULFATE ION' 'O4 S -2'
#
# COMPACT_ATOMS: atom_id res chain seq x y z
N GLN A 4 -22.61 2.32 -22.37
CA GLN A 4 -21.36 2.79 -22.95
C GLN A 4 -20.16 2.01 -22.43
N CYS A 5 -20.37 0.72 -22.18
CA CYS A 5 -19.29 -0.21 -21.85
C CYS A 5 -19.30 -1.30 -22.92
N SER A 6 -18.37 -1.23 -23.86
CA SER A 6 -18.21 -2.29 -24.88
C SER A 6 -17.28 -3.47 -24.46
N LYS A 7 -17.57 -4.67 -24.92
CA LYS A 7 -16.66 -5.80 -24.68
C LYS A 7 -16.05 -6.17 -26.02
N PHE A 8 -14.89 -6.82 -26.02
CA PHE A 8 -14.10 -6.98 -27.23
C PHE A 8 -13.23 -8.22 -27.13
N ILE A 9 -13.56 -9.29 -27.83
CA ILE A 9 -12.69 -10.47 -27.82
C ILE A 9 -11.64 -10.43 -28.92
N VAL A 10 -10.39 -10.11 -28.57
CA VAL A 10 -9.28 -10.11 -29.51
C VAL A 10 -8.60 -11.47 -29.59
N SER A 11 -8.03 -11.81 -30.74
CA SER A 11 -7.41 -13.13 -30.93
C SER A 11 -6.17 -13.08 -31.81
N GLY A 12 -5.41 -14.16 -31.82
CA GLY A 12 -4.13 -14.22 -32.50
C GLY A 12 -3.02 -14.46 -31.49
N HIS A 13 -1.80 -14.07 -31.86
CA HIS A 13 -0.69 -14.14 -30.91
C HIS A 13 -0.76 -12.84 -30.15
N VAL A 14 -1.54 -12.83 -29.07
CA VAL A 14 -1.84 -11.61 -28.35
C VAL A 14 -1.61 -11.65 -26.85
N GLN A 15 -1.15 -12.79 -26.34
CA GLN A 15 -0.73 -12.86 -24.95
C GLN A 15 0.78 -12.96 -24.88
N GLY A 16 1.38 -12.23 -23.93
CA GLY A 16 2.81 -12.29 -23.70
C GLY A 16 3.58 -11.42 -24.66
N VAL A 17 2.87 -10.46 -25.24
CA VAL A 17 3.46 -9.65 -26.27
C VAL A 17 3.26 -8.17 -25.98
N GLY A 18 2.85 -7.87 -24.75
CA GLY A 18 2.74 -6.49 -24.29
C GLY A 18 1.42 -5.84 -24.67
N PHE A 19 0.58 -6.60 -25.35
CA PHE A 19 -0.71 -6.15 -25.80
C PHE A 19 -1.54 -5.56 -24.64
N CYS A 20 -1.79 -6.37 -23.62
CA CYS A 20 -2.59 -5.97 -22.46
C CYS A 20 -2.11 -4.68 -21.85
N TYR A 21 -0.81 -4.59 -21.58
CA TYR A 21 -0.23 -3.34 -21.14
C TYR A 21 -0.56 -2.24 -22.11
N HIS A 22 -0.26 -2.49 -23.39
CA HIS A 22 -0.41 -1.49 -24.44
C HIS A 22 -1.86 -1.05 -24.65
N THR A 23 -2.76 -2.03 -24.77
CA THR A 23 -4.19 -1.71 -24.89
C THR A 23 -4.60 -0.83 -23.75
N SER A 24 -4.18 -1.19 -22.53
CA SER A 24 -4.62 -0.46 -21.34
C SER A 24 -4.11 0.98 -21.34
N HIS A 25 -3.02 1.20 -22.06
CA HIS A 25 -2.40 2.50 -22.17
C HIS A 25 -3.12 3.34 -23.25
N GLN A 26 -3.56 2.66 -24.32
CA GLN A 26 -4.28 3.32 -25.39
C GLN A 26 -5.62 3.79 -24.86
N GLY A 27 -6.38 2.88 -24.28
CA GLY A 27 -7.60 3.22 -23.57
C GLY A 27 -7.48 4.33 -22.51
N LEU A 28 -6.37 4.40 -21.78
CA LEU A 28 -6.19 5.47 -20.80
C LEU A 28 -5.91 6.78 -21.50
N LYS A 29 -5.24 6.68 -22.65
CA LYS A 29 -5.03 7.85 -23.50
C LYS A 29 -6.35 8.38 -24.07
N LEU A 30 -7.30 7.46 -24.34
CA LEU A 30 -8.62 7.85 -24.89
C LEU A 30 -9.61 8.27 -23.82
N GLY A 31 -9.15 8.44 -22.59
CA GLY A 31 -10.02 8.83 -21.50
C GLY A 31 -10.97 7.74 -21.05
N LEU A 32 -10.63 6.49 -21.39
CA LEU A 32 -11.45 5.34 -21.05
C LEU A 32 -10.98 4.64 -19.77
N THR A 33 -11.86 3.79 -19.23
CA THR A 33 -11.52 2.94 -18.10
C THR A 33 -12.02 1.60 -18.51
N GLY A 34 -11.49 0.55 -17.89
CA GLY A 34 -11.88 -0.82 -18.18
C GLY A 34 -10.76 -1.81 -17.92
N TYR A 35 -10.73 -2.92 -18.66
CA TYR A 35 -9.68 -3.91 -18.48
C TYR A 35 -9.42 -4.75 -19.72
N ALA A 36 -8.23 -5.29 -19.78
CA ALA A 36 -7.90 -6.28 -20.78
C ALA A 36 -7.48 -7.50 -19.98
N LYS A 37 -8.20 -8.61 -20.12
CA LYS A 37 -7.93 -9.81 -19.32
C LYS A 37 -7.47 -10.91 -20.24
N ASN A 38 -6.57 -11.79 -19.77
CA ASN A 38 -6.14 -12.91 -20.62
C ASN A 38 -7.00 -14.13 -20.35
N LEU A 39 -7.48 -14.71 -21.45
CA LEU A 39 -8.35 -15.88 -21.43
C LEU A 39 -7.58 -17.14 -21.74
N ASN A 40 -8.07 -18.26 -21.20
CA ASN A 40 -7.46 -19.56 -21.37
C ASN A 40 -7.21 -20.01 -22.81
N ASN A 41 -8.13 -19.69 -23.71
CA ASN A 41 -8.04 -20.15 -25.10
C ASN A 41 -6.88 -19.53 -25.88
N GLY A 42 -6.43 -18.37 -25.43
CA GLY A 42 -5.36 -17.64 -26.07
C GLY A 42 -5.75 -16.20 -26.29
N ASP A 43 -7.07 -15.96 -26.18
CA ASP A 43 -7.73 -14.66 -26.46
C ASP A 43 -7.63 -13.61 -25.35
N VAL A 44 -7.46 -12.35 -25.71
CA VAL A 44 -7.71 -11.26 -24.77
C VAL A 44 -9.17 -10.75 -24.88
N GLU A 45 -9.83 -10.59 -23.73
CA GLU A 45 -11.13 -9.95 -23.68
C GLU A 45 -10.88 -8.59 -23.09
N VAL A 46 -11.04 -7.55 -23.90
CA VAL A 46 -10.81 -6.20 -23.44
C VAL A 46 -12.15 -5.57 -23.14
N VAL A 47 -12.34 -5.08 -21.94
CA VAL A 47 -13.57 -4.36 -21.67
C VAL A 47 -13.30 -2.89 -21.43
N ALA A 48 -13.91 -2.04 -22.24
CA ALA A 48 -13.69 -0.61 -22.13
C ALA A 48 -15.00 0.12 -21.87
N CYS A 49 -14.93 1.28 -21.23
CA CYS A 49 -16.13 2.07 -20.99
C CYS A 49 -15.82 3.55 -21.13
N GLY A 50 -16.56 4.19 -22.05
CA GLY A 50 -16.46 5.61 -22.29
C GLY A 50 -17.50 6.04 -23.29
N THR A 51 -17.32 7.22 -23.86
CA THR A 51 -18.24 7.70 -24.89
C THR A 51 -18.04 6.96 -26.23
N PRO A 52 -19.14 6.48 -26.84
CA PRO A 52 -19.22 5.74 -28.13
C PRO A 52 -18.09 5.95 -29.14
N GLU A 53 -17.61 7.19 -29.28
CA GLU A 53 -16.60 7.51 -30.27
C GLU A 53 -15.23 7.12 -29.74
N ARG A 54 -15.05 7.32 -28.44
CA ARG A 54 -13.82 6.92 -27.76
C ARG A 54 -13.72 5.40 -27.77
N LEU A 55 -14.87 4.73 -27.61
CA LEU A 55 -14.94 3.29 -27.76
C LEU A 55 -14.73 2.91 -29.22
N GLU A 56 -14.89 3.88 -30.13
CA GLU A 56 -14.66 3.61 -31.54
C GLU A 56 -13.20 3.69 -31.90
N GLU A 57 -12.49 4.70 -31.39
CA GLU A 57 -11.08 4.84 -31.78
C GLU A 57 -10.36 3.59 -31.27
N LEU A 58 -10.87 3.06 -30.15
CA LEU A 58 -10.24 1.94 -29.51
C LEU A 58 -10.47 0.70 -30.36
N TYR A 59 -11.73 0.45 -30.70
CA TYR A 59 -12.05 -0.63 -31.62
C TYR A 59 -11.14 -0.52 -32.84
N LEU A 60 -11.01 0.70 -33.37
CA LEU A 60 -10.12 0.88 -34.51
C LEU A 60 -8.71 0.46 -34.13
N TRP A 61 -8.11 1.13 -33.15
CA TRP A 61 -6.74 0.84 -32.75
C TRP A 61 -6.48 -0.66 -32.51
N LEU A 62 -7.37 -1.31 -31.76
CA LEU A 62 -7.35 -2.78 -31.57
C LEU A 62 -7.11 -3.56 -32.86
N GLN A 63 -7.75 -3.11 -33.94
CA GLN A 63 -7.57 -3.70 -35.24
C GLN A 63 -6.29 -3.19 -35.87
N GLU A 64 -6.31 -1.95 -36.36
CA GLU A 64 -5.24 -1.48 -37.23
C GLU A 64 -4.09 -0.77 -36.54
N GLY A 65 -4.22 -0.50 -35.24
CA GLY A 65 -3.19 0.21 -34.51
C GLY A 65 -1.85 -0.50 -34.56
N PRO A 66 -0.75 0.26 -34.68
CA PRO A 66 0.58 -0.28 -34.47
C PRO A 66 0.65 -0.94 -33.10
N LYS A 67 1.12 -2.18 -33.06
CA LYS A 67 1.30 -2.90 -31.79
C LYS A 67 2.19 -4.14 -31.95
N THR A 68 2.83 -4.58 -30.86
CA THR A 68 3.73 -5.73 -30.93
C THR A 68 3.00 -6.99 -31.40
N ALA A 69 1.78 -7.16 -30.92
CA ALA A 69 1.02 -8.38 -31.15
C ALA A 69 0.67 -8.62 -32.61
N SER A 70 0.30 -9.86 -32.91
CA SER A 70 -0.22 -10.22 -34.22
C SER A 70 -1.71 -10.47 -34.10
N VAL A 71 -2.49 -9.41 -34.28
CA VAL A 71 -3.93 -9.53 -34.22
C VAL A 71 -4.43 -10.22 -35.46
N ARG A 72 -5.36 -11.14 -35.27
CA ARG A 72 -6.03 -11.75 -36.39
C ARG A 72 -7.40 -11.10 -36.50
N GLN A 73 -8.25 -11.39 -35.53
CA GLN A 73 -9.64 -10.99 -35.60
C GLN A 73 -10.13 -10.26 -34.35
N VAL A 74 -10.81 -9.14 -34.52
CA VAL A 74 -11.41 -8.43 -33.37
C VAL A 74 -12.93 -8.41 -33.46
N ARG A 75 -13.59 -9.13 -32.56
CA ARG A 75 -15.05 -9.14 -32.55
C ARG A 75 -15.57 -8.16 -31.50
N ARG A 76 -16.66 -7.46 -31.78
CA ARG A 76 -17.28 -6.66 -30.73
C ARG A 76 -18.46 -7.43 -30.19
N LEU A 77 -18.67 -7.36 -28.89
CA LEU A 77 -19.65 -8.22 -28.22
C LEU A 77 -20.55 -7.45 -27.27
N SER A 78 -21.66 -8.12 -26.90
CA SER A 78 -22.43 -7.76 -25.72
C SER A 78 -22.74 -6.25 -25.79
N SER A 79 -22.78 -5.41 -24.76
CA SER A 79 -22.76 -5.65 -23.31
C SER A 79 -23.78 -4.78 -22.58
N GLU A 80 -23.96 -5.05 -21.29
CA GLU A 80 -24.90 -4.25 -20.52
C GLU A 80 -24.32 -3.71 -19.21
N LEU A 81 -23.01 -3.94 -19.04
CA LEU A 81 -22.21 -3.32 -17.98
C LEU A 81 -22.48 -1.84 -17.95
N GLU A 82 -22.98 -1.36 -16.82
CA GLU A 82 -23.20 0.06 -16.60
C GLU A 82 -22.48 0.40 -15.32
N HIS A 83 -21.33 -0.23 -15.11
CA HIS A 83 -20.54 -0.13 -13.88
C HIS A 83 -19.36 0.80 -14.10
N ASP A 84 -18.87 1.39 -13.01
CA ASP A 84 -17.66 2.19 -13.09
C ASP A 84 -16.43 1.33 -12.91
N TYR A 85 -15.51 1.42 -13.84
CA TYR A 85 -14.28 0.67 -13.74
C TYR A 85 -13.14 1.61 -13.37
N GLN A 86 -12.28 1.13 -12.47
CA GLN A 86 -11.24 1.92 -11.81
C GLN A 86 -10.32 2.71 -12.74
N GLY A 87 -9.24 2.09 -13.19
CA GLY A 87 -8.38 2.68 -14.19
C GLY A 87 -8.46 1.75 -15.37
N PHE A 88 -7.33 1.41 -15.98
CA PHE A 88 -7.35 0.36 -16.98
C PHE A 88 -6.46 -0.82 -16.59
N GLU A 89 -7.05 -1.84 -15.99
CA GLU A 89 -6.31 -2.95 -15.40
C GLU A 89 -5.83 -4.03 -16.37
N ILE A 90 -5.16 -5.04 -15.85
CA ILE A 90 -4.76 -6.23 -16.60
C ILE A 90 -5.13 -7.41 -15.75
N LEU A 91 -5.82 -8.40 -16.32
CA LEU A 91 -6.32 -9.54 -15.55
C LEU A 91 -5.92 -10.89 -16.17
N LYS B 3 12.86 -17.71 -24.33
CA LYS B 3 13.00 -16.71 -23.26
C LYS B 3 14.42 -16.55 -22.67
N GLN B 4 14.90 -15.31 -22.64
CA GLN B 4 16.20 -15.00 -22.06
C GLN B 4 16.30 -13.53 -21.67
N CYS B 5 17.39 -13.17 -21.01
CA CYS B 5 17.64 -11.81 -20.62
C CYS B 5 18.91 -11.29 -21.29
N SER B 6 18.92 -10.00 -21.62
CA SER B 6 20.16 -9.31 -21.95
C SER B 6 20.38 -8.09 -21.05
N LYS B 7 21.56 -7.49 -21.15
CA LYS B 7 21.89 -6.30 -20.39
C LYS B 7 22.47 -5.30 -21.38
N PHE B 8 22.14 -4.03 -21.22
CA PHE B 8 22.67 -2.98 -22.08
C PHE B 8 23.16 -1.85 -21.20
N ILE B 9 24.32 -1.29 -21.55
CA ILE B 9 24.80 -0.08 -20.89
C ILE B 9 24.69 1.12 -21.83
N VAL B 10 23.67 1.94 -21.60
CA VAL B 10 23.45 3.12 -22.42
C VAL B 10 24.09 4.34 -21.76
N SER B 11 24.92 5.06 -22.51
CA SER B 11 25.65 6.22 -21.99
C SER B 11 25.46 7.53 -22.78
N GLY B 12 25.65 8.65 -22.11
CA GLY B 12 25.43 9.96 -22.70
C GLY B 12 24.56 10.77 -21.76
N HIS B 13 23.82 11.73 -22.30
CA HIS B 13 22.86 12.46 -21.49
C HIS B 13 21.63 11.59 -21.31
N VAL B 14 21.60 10.82 -20.22
CA VAL B 14 20.62 9.75 -20.09
C VAL B 14 19.79 9.70 -18.80
N GLN B 15 20.24 10.38 -17.74
CA GLN B 15 19.42 10.44 -16.53
C GLN B 15 18.84 11.83 -16.30
N GLY B 16 17.60 11.89 -15.83
CA GLY B 16 16.93 13.14 -15.53
C GLY B 16 16.19 13.66 -16.75
N VAL B 17 16.29 12.89 -17.82
CA VAL B 17 15.68 13.27 -19.07
C VAL B 17 14.69 12.18 -19.55
N GLY B 18 13.82 11.76 -18.63
CA GLY B 18 12.75 10.82 -18.89
C GLY B 18 13.12 9.47 -19.46
N PHE B 19 14.41 9.22 -19.60
CA PHE B 19 14.85 7.99 -20.27
C PHE B 19 14.45 6.68 -19.60
N CYS B 20 14.71 6.55 -18.30
CA CYS B 20 14.41 5.30 -17.59
C CYS B 20 12.93 5.00 -17.61
N TYR B 21 12.10 6.05 -17.63
CA TYR B 21 10.66 5.91 -17.75
C TYR B 21 10.29 5.42 -19.14
N HIS B 22 10.82 6.08 -20.16
CA HIS B 22 10.48 5.77 -21.54
C HIS B 22 10.82 4.31 -21.85
N THR B 23 12.05 3.93 -21.48
CA THR B 23 12.56 2.58 -21.66
C THR B 23 11.69 1.54 -21.01
N SER B 24 11.38 1.78 -19.74
CA SER B 24 10.54 0.85 -19.03
C SER B 24 9.30 0.72 -19.88
N HIS B 25 8.73 1.87 -20.27
CA HIS B 25 7.47 1.94 -21.03
C HIS B 25 7.57 1.25 -22.38
N GLN B 26 8.63 1.57 -23.11
CA GLN B 26 8.86 0.95 -24.39
C GLN B 26 8.96 -0.59 -24.23
N GLY B 27 9.73 -1.06 -23.24
CA GLY B 27 9.83 -2.49 -22.98
C GLY B 27 8.48 -3.16 -22.74
N LEU B 28 7.74 -2.64 -21.75
CA LEU B 28 6.40 -3.13 -21.40
C LEU B 28 5.51 -3.28 -22.62
N LYS B 29 5.68 -2.37 -23.60
CA LYS B 29 4.93 -2.45 -24.84
C LYS B 29 5.42 -3.59 -25.69
N LEU B 30 6.68 -3.97 -25.54
CA LEU B 30 7.22 -5.11 -26.26
C LEU B 30 7.08 -6.45 -25.51
N GLY B 31 6.39 -6.45 -24.37
CA GLY B 31 6.11 -7.68 -23.65
C GLY B 31 7.28 -8.11 -22.78
N LEU B 32 8.29 -7.25 -22.69
CA LEU B 32 9.46 -7.46 -21.87
C LEU B 32 9.23 -7.12 -20.40
N THR B 33 10.08 -7.68 -19.55
CA THR B 33 10.25 -7.29 -18.14
C THR B 33 11.72 -7.03 -17.88
N GLY B 34 12.03 -6.20 -16.88
CA GLY B 34 13.40 -5.90 -16.49
C GLY B 34 13.53 -4.69 -15.58
N TYR B 35 14.65 -3.97 -15.70
CA TYR B 35 14.81 -2.68 -15.02
C TYR B 35 15.75 -1.74 -15.78
N ALA B 36 15.52 -0.43 -15.61
CA ALA B 36 16.45 0.61 -16.01
C ALA B 36 17.07 1.23 -14.75
N LYS B 37 18.38 1.05 -14.54
CA LYS B 37 19.03 1.50 -13.32
C LYS B 37 20.03 2.63 -13.52
N ASN B 38 19.87 3.69 -12.76
CA ASN B 38 20.77 4.84 -12.83
C ASN B 38 22.08 4.52 -12.14
N LEU B 39 23.17 4.55 -12.90
CA LEU B 39 24.51 4.27 -12.40
C LEU B 39 25.25 5.56 -12.02
N ASN B 40 26.33 5.40 -11.27
CA ASN B 40 27.02 6.57 -10.72
C ASN B 40 27.83 7.31 -11.76
N ASN B 41 28.35 6.58 -12.74
CA ASN B 41 29.21 7.20 -13.76
C ASN B 41 28.49 8.19 -14.67
N GLY B 42 27.19 8.04 -14.79
CA GLY B 42 26.41 8.85 -15.69
C GLY B 42 25.61 7.96 -16.64
N ASP B 43 25.92 6.67 -16.64
CA ASP B 43 25.28 5.72 -17.55
C ASP B 43 23.92 5.22 -17.08
N VAL B 44 23.28 4.41 -17.90
CA VAL B 44 22.04 3.77 -17.49
C VAL B 44 22.15 2.29 -17.82
N GLU B 45 22.03 1.46 -16.78
CA GLU B 45 22.06 0.03 -16.95
C GLU B 45 20.66 -0.45 -17.19
N VAL B 46 20.43 -1.09 -18.32
CA VAL B 46 19.12 -1.65 -18.64
C VAL B 46 19.20 -3.15 -18.81
N VAL B 47 18.32 -3.86 -18.12
CA VAL B 47 18.28 -5.31 -18.17
C VAL B 47 16.86 -5.60 -18.60
N ALA B 48 16.70 -6.44 -19.61
CA ALA B 48 15.36 -6.78 -20.09
C ALA B 48 15.23 -8.26 -20.46
N CYS B 49 14.04 -8.82 -20.32
CA CYS B 49 13.84 -10.25 -20.44
C CYS B 49 12.62 -10.59 -21.32
N GLY B 50 12.81 -11.52 -22.25
CA GLY B 50 11.77 -11.92 -23.19
C GLY B 50 12.36 -12.73 -24.33
N THR B 51 11.60 -12.86 -25.43
CA THR B 51 12.10 -13.53 -26.62
C THR B 51 13.23 -12.72 -27.26
N PRO B 52 14.14 -13.37 -27.99
CA PRO B 52 15.28 -12.62 -28.55
C PRO B 52 14.96 -11.58 -29.63
N GLU B 53 13.86 -11.77 -30.37
CA GLU B 53 13.45 -10.81 -31.40
C GLU B 53 12.76 -9.61 -30.76
N ARG B 54 12.34 -9.80 -29.52
CA ARG B 54 11.79 -8.72 -28.71
C ARG B 54 12.93 -8.00 -28.00
N LEU B 55 14.06 -8.67 -27.89
CA LEU B 55 15.22 -8.03 -27.28
C LEU B 55 15.96 -7.24 -28.33
N GLU B 56 15.85 -7.69 -29.57
CA GLU B 56 16.35 -6.90 -30.69
C GLU B 56 15.59 -5.58 -30.79
N GLU B 57 14.27 -5.68 -30.81
CA GLU B 57 13.43 -4.50 -30.96
C GLU B 57 13.74 -3.44 -29.93
N LEU B 58 13.99 -3.87 -28.69
CA LEU B 58 14.40 -2.94 -27.65
C LEU B 58 15.79 -2.43 -27.93
N TYR B 59 16.67 -3.34 -28.37
CA TYR B 59 18.05 -2.98 -28.69
C TYR B 59 18.04 -1.94 -29.79
N LEU B 60 17.19 -2.16 -30.78
CA LEU B 60 17.02 -1.21 -31.87
C LEU B 60 16.38 0.08 -31.39
N TRP B 61 15.34 -0.02 -30.57
CA TRP B 61 14.79 1.16 -29.91
C TRP B 61 15.87 1.98 -29.20
N LEU B 62 16.53 1.36 -28.24
CA LEU B 62 17.59 2.02 -27.48
C LEU B 62 18.51 2.84 -28.37
N GLN B 63 18.86 2.29 -29.53
CA GLN B 63 19.75 2.99 -30.46
C GLN B 63 19.11 4.23 -31.14
N GLU B 64 18.23 3.99 -32.10
CA GLU B 64 17.78 5.05 -32.99
C GLU B 64 16.46 5.67 -32.54
N GLY B 65 15.73 4.93 -31.72
CA GLY B 65 14.40 5.32 -31.29
C GLY B 65 14.29 6.77 -30.88
N PRO B 66 13.15 7.39 -31.16
CA PRO B 66 12.93 8.79 -30.77
C PRO B 66 12.65 8.83 -29.29
N LYS B 67 13.40 9.67 -28.57
CA LYS B 67 13.37 9.72 -27.12
C LYS B 67 14.07 11.00 -26.74
N THR B 68 13.72 11.58 -25.61
CA THR B 68 14.34 12.82 -25.15
C THR B 68 15.87 12.77 -25.03
N ALA B 69 16.40 11.71 -24.43
CA ALA B 69 17.84 11.53 -24.23
C ALA B 69 18.74 11.78 -25.46
N SER B 70 20.01 11.97 -25.18
CA SER B 70 21.05 12.07 -26.21
C SER B 70 21.90 10.82 -26.10
N VAL B 71 21.49 9.74 -26.76
CA VAL B 71 22.17 8.46 -26.60
C VAL B 71 23.46 8.37 -27.40
N ARG B 72 24.59 8.35 -26.71
CA ARG B 72 25.87 8.33 -27.40
C ARG B 72 26.37 6.90 -27.72
N GLN B 73 26.29 5.98 -26.76
CA GLN B 73 26.57 4.59 -27.08
C GLN B 73 25.68 3.57 -26.36
N VAL B 74 25.35 2.49 -27.07
CA VAL B 74 24.68 1.36 -26.44
C VAL B 74 25.54 0.11 -26.62
N ARG B 75 25.98 -0.44 -25.49
CA ARG B 75 26.86 -1.60 -25.48
C ARG B 75 26.10 -2.79 -24.92
N ARG B 76 25.81 -3.78 -25.76
CA ARG B 76 25.10 -4.96 -25.23
C ARG B 76 26.08 -5.88 -24.52
N LEU B 77 25.67 -6.38 -23.35
CA LEU B 77 26.50 -7.27 -22.51
C LEU B 77 25.84 -8.63 -22.27
N SER B 78 26.64 -9.66 -22.07
CA SER B 78 26.11 -11.02 -21.95
C SER B 78 25.59 -11.23 -20.55
N SER B 79 24.49 -11.97 -20.45
CA SER B 79 23.83 -12.14 -19.16
C SER B 79 23.27 -13.55 -19.01
N GLU B 80 23.55 -14.16 -17.87
CA GLU B 80 23.17 -15.56 -17.62
C GLU B 80 22.02 -15.69 -16.64
N LEU B 81 21.50 -14.53 -16.20
CA LEU B 81 20.38 -14.51 -15.27
C LEU B 81 19.10 -14.92 -15.95
N GLU B 82 18.35 -15.79 -15.28
CA GLU B 82 17.08 -16.22 -15.80
C GLU B 82 16.04 -16.10 -14.72
N HIS B 83 16.05 -14.96 -14.05
CA HIS B 83 15.11 -14.68 -12.98
C HIS B 83 13.84 -14.01 -13.52
N ASP B 84 12.68 -14.40 -12.98
CA ASP B 84 11.42 -13.73 -13.32
C ASP B 84 11.38 -12.38 -12.64
N TYR B 85 11.57 -11.32 -13.42
CA TYR B 85 11.43 -9.95 -12.92
C TYR B 85 9.99 -9.46 -13.06
N GLN B 86 9.52 -8.71 -12.07
CA GLN B 86 8.14 -8.20 -12.08
C GLN B 86 8.01 -6.84 -12.80
N GLY B 87 7.26 -6.85 -13.91
CA GLY B 87 7.09 -5.68 -14.76
C GLY B 87 8.47 -5.20 -15.18
N PHE B 88 8.60 -3.90 -15.38
CA PHE B 88 9.84 -3.26 -15.80
C PHE B 88 10.06 -2.02 -14.91
N GLU B 89 11.02 -2.09 -13.98
CA GLU B 89 11.12 -1.11 -12.88
C GLU B 89 12.22 -0.06 -13.06
N ILE B 90 12.08 1.10 -12.43
CA ILE B 90 13.15 2.11 -12.47
C ILE B 90 14.03 2.12 -11.21
N LEU B 91 15.26 1.62 -11.35
CA LEU B 91 16.23 1.34 -10.27
C LEU B 91 16.13 -0.10 -9.77
N GLN C 4 13.45 24.55 -12.23
CA GLN C 4 12.38 25.53 -12.42
C GLN C 4 11.00 24.94 -12.76
N CYS C 5 9.95 25.52 -12.17
CA CYS C 5 8.56 25.11 -12.41
C CYS C 5 7.75 26.14 -13.21
N SER C 6 6.83 25.63 -14.04
CA SER C 6 5.91 26.47 -14.81
C SER C 6 4.47 26.02 -14.64
N LYS C 7 3.52 26.84 -15.06
CA LYS C 7 2.09 26.52 -14.92
C LYS C 7 1.35 26.74 -16.25
N PHE C 8 0.39 25.87 -16.56
CA PHE C 8 -0.31 25.95 -17.84
C PHE C 8 -1.77 25.71 -17.68
N ILE C 9 -2.58 26.72 -17.96
CA ILE C 9 -4.01 26.51 -17.96
C ILE C 9 -4.45 26.12 -19.35
N VAL C 10 -4.97 24.91 -19.48
CA VAL C 10 -5.44 24.43 -20.77
C VAL C 10 -6.97 24.48 -20.84
N SER C 11 -7.49 25.27 -21.76
CA SER C 11 -8.93 25.35 -21.97
C SER C 11 -9.31 24.58 -23.21
N GLY C 12 -10.54 24.08 -23.23
CA GLY C 12 -11.00 23.31 -24.36
C GLY C 12 -11.98 22.24 -23.98
N HIS C 13 -11.90 21.11 -24.67
CA HIS C 13 -12.61 19.90 -24.32
C HIS C 13 -11.53 19.02 -23.71
N VAL C 14 -11.18 19.30 -22.46
CA VAL C 14 -9.98 18.69 -21.87
C VAL C 14 -10.25 17.66 -20.75
N GLN C 15 -11.45 17.67 -20.20
CA GLN C 15 -11.73 16.74 -19.12
C GLN C 15 -12.40 15.50 -19.67
N GLY C 16 -12.05 14.35 -19.07
CA GLY C 16 -12.61 13.07 -19.47
C GLY C 16 -12.11 12.50 -20.79
N VAL C 17 -10.99 13.00 -21.28
CA VAL C 17 -10.55 12.61 -22.60
C VAL C 17 -9.08 12.24 -22.61
N GLY C 18 -8.67 11.62 -21.51
CA GLY C 18 -7.33 11.11 -21.34
C GLY C 18 -6.33 12.25 -21.30
N PHE C 19 -6.82 13.48 -21.15
CA PHE C 19 -5.91 14.59 -21.30
C PHE C 19 -4.88 14.59 -20.20
N CYS C 20 -5.32 14.38 -18.95
CA CYS C 20 -4.43 14.36 -17.78
C CYS C 20 -3.47 13.18 -17.82
N TYR C 21 -4.01 11.98 -18.03
CA TYR C 21 -3.18 10.81 -18.23
C TYR C 21 -2.12 11.09 -19.29
N HIS C 22 -2.58 11.52 -20.46
CA HIS C 22 -1.69 11.74 -21.60
C HIS C 22 -0.63 12.81 -21.32
N THR C 23 -1.05 13.89 -20.68
CA THR C 23 -0.12 14.96 -20.30
C THR C 23 0.96 14.44 -19.38
N SER C 24 0.59 13.63 -18.40
CA SER C 24 1.59 13.16 -17.46
C SER C 24 2.44 12.06 -18.09
N HIS C 25 1.83 11.25 -18.96
CA HIS C 25 2.65 10.35 -19.75
C HIS C 25 3.72 11.15 -20.50
N GLN C 26 3.30 12.18 -21.24
CA GLN C 26 4.25 12.99 -22.01
C GLN C 26 5.33 13.64 -21.14
N GLY C 27 4.95 14.15 -19.96
CA GLY C 27 5.91 14.81 -19.09
C GLY C 27 7.00 13.89 -18.58
N LEU C 28 6.58 12.78 -17.98
CA LEU C 28 7.47 11.72 -17.51
C LEU C 28 8.45 11.24 -18.58
N LYS C 29 8.15 11.51 -19.84
CA LYS C 29 8.97 11.05 -20.93
C LYS C 29 9.99 12.11 -21.29
N LEU C 30 9.77 13.30 -20.76
CA LEU C 30 10.65 14.42 -21.03
C LEU C 30 11.51 14.67 -19.81
N GLY C 31 11.27 13.89 -18.76
CA GLY C 31 11.97 14.02 -17.51
C GLY C 31 11.39 15.06 -16.58
N LEU C 32 10.10 15.37 -16.77
CA LEU C 32 9.45 16.40 -15.98
C LEU C 32 8.72 15.82 -14.77
N THR C 33 8.49 16.67 -13.77
CA THR C 33 7.68 16.34 -12.60
C THR C 33 6.55 17.34 -12.49
N GLY C 34 5.41 16.93 -11.95
CA GLY C 34 4.34 17.87 -11.62
C GLY C 34 2.97 17.26 -11.50
N TYR C 35 1.93 18.01 -11.87
CA TYR C 35 0.57 17.48 -11.85
C TYR C 35 -0.37 18.11 -12.86
N ALA C 36 -1.37 17.33 -13.28
CA ALA C 36 -2.42 17.80 -14.17
C ALA C 36 -3.78 17.74 -13.46
N LYS C 37 -4.18 18.85 -12.85
CA LYS C 37 -5.40 18.91 -12.05
C LYS C 37 -6.63 19.43 -12.83
N ASN C 38 -7.73 18.67 -12.82
CA ASN C 38 -9.00 19.10 -13.41
C ASN C 38 -9.59 20.16 -12.52
N LEU C 39 -10.01 21.26 -13.15
CA LEU C 39 -10.48 22.45 -12.46
C LEU C 39 -11.98 22.42 -12.58
N ASN C 40 -12.67 23.32 -11.89
CA ASN C 40 -14.13 23.31 -11.88
C ASN C 40 -14.76 23.92 -13.14
N ASN C 41 -14.16 25.00 -13.63
CA ASN C 41 -14.57 25.61 -14.88
C ASN C 41 -14.58 24.65 -16.07
N GLY C 42 -13.68 23.69 -16.06
CA GLY C 42 -13.58 22.75 -17.16
C GLY C 42 -12.19 22.64 -17.71
N ASP C 43 -11.35 23.63 -17.40
CA ASP C 43 -9.95 23.57 -17.81
C ASP C 43 -9.22 22.56 -16.98
N VAL C 44 -7.99 22.31 -17.41
CA VAL C 44 -7.02 21.50 -16.72
C VAL C 44 -5.86 22.45 -16.46
N GLU C 45 -5.43 22.48 -15.19
CA GLU C 45 -4.17 23.10 -14.78
C GLU C 45 -3.04 22.09 -15.00
N VAL C 46 -1.89 22.55 -15.43
CA VAL C 46 -0.75 21.65 -15.51
C VAL C 46 0.47 22.34 -14.92
N VAL C 47 0.95 21.84 -13.78
CA VAL C 47 2.22 22.33 -13.24
C VAL C 47 3.32 21.34 -13.61
N ALA C 48 4.46 21.88 -14.05
CA ALA C 48 5.52 21.05 -14.59
C ALA C 48 6.83 21.66 -14.14
N CYS C 49 7.78 20.80 -13.77
CA CYS C 49 9.12 21.28 -13.46
C CYS C 49 10.18 20.47 -14.21
N GLY C 50 11.20 21.18 -14.69
CA GLY C 50 12.36 20.57 -15.33
C GLY C 50 13.32 21.64 -15.80
N THR C 51 14.19 21.30 -16.75
CA THR C 51 14.96 22.32 -17.46
C THR C 51 13.96 23.07 -18.34
N PRO C 52 14.21 24.36 -18.61
CA PRO C 52 13.27 25.16 -19.41
C PRO C 52 13.01 24.54 -20.79
N GLU C 53 14.07 24.20 -21.53
CA GLU C 53 13.94 23.66 -22.88
C GLU C 53 13.05 22.41 -22.94
N ARG C 54 12.83 21.81 -21.79
CA ARG C 54 11.89 20.71 -21.69
C ARG C 54 10.46 21.22 -21.46
N LEU C 55 10.33 22.29 -20.68
CA LEU C 55 9.03 22.89 -20.45
C LEU C 55 8.52 23.49 -21.76
N GLU C 56 9.46 23.92 -22.62
CA GLU C 56 9.06 24.39 -23.92
C GLU C 56 8.45 23.24 -24.71
N GLU C 57 9.19 22.13 -24.81
CA GLU C 57 8.69 20.92 -25.46
C GLU C 57 7.26 20.61 -25.04
N LEU C 58 7.04 20.53 -23.74
CA LEU C 58 5.73 20.22 -23.17
C LEU C 58 4.71 21.26 -23.63
N TYR C 59 5.06 22.54 -23.49
CA TYR C 59 4.19 23.63 -23.93
C TYR C 59 3.79 23.46 -25.38
N LEU C 60 4.75 23.02 -26.19
CA LEU C 60 4.53 22.80 -27.61
C LEU C 60 3.60 21.62 -27.87
N TRP C 61 3.84 20.50 -27.17
CA TRP C 61 2.96 19.34 -27.22
C TRP C 61 1.58 19.70 -26.70
N LEU C 62 1.54 20.51 -25.63
CA LEU C 62 0.28 20.91 -25.03
C LEU C 62 -0.62 21.59 -26.06
N GLN C 63 0.02 22.42 -26.89
CA GLN C 63 -0.65 23.17 -27.93
C GLN C 63 -0.86 22.25 -29.10
N GLU C 64 0.22 21.88 -29.75
CA GLU C 64 0.14 21.13 -31.02
C GLU C 64 0.04 19.62 -30.92
N GLY C 65 0.54 19.03 -29.85
CA GLY C 65 0.73 17.59 -29.79
C GLY C 65 -0.49 16.73 -30.10
N PRO C 66 -0.25 15.59 -30.77
CA PRO C 66 -1.38 14.72 -31.08
C PRO C 66 -2.04 14.23 -29.81
N LYS C 67 -3.35 14.44 -29.71
CA LYS C 67 -4.11 13.92 -28.58
C LYS C 67 -5.56 13.65 -28.91
N THR C 68 -6.28 13.21 -27.89
CA THR C 68 -7.68 12.87 -28.02
C THR C 68 -8.50 14.12 -27.69
N ALA C 69 -8.00 14.89 -26.74
CA ALA C 69 -8.64 16.13 -26.31
C ALA C 69 -8.62 17.17 -27.39
N SER C 70 -9.54 18.12 -27.26
CA SER C 70 -9.75 19.17 -28.25
C SER C 70 -9.34 20.50 -27.63
N VAL C 71 -8.05 20.81 -27.74
CA VAL C 71 -7.49 21.99 -27.10
C VAL C 71 -7.85 23.27 -27.84
N ARG C 72 -8.27 24.29 -27.08
CA ARG C 72 -8.62 25.57 -27.67
C ARG C 72 -7.64 26.69 -27.32
N GLN C 73 -7.25 26.81 -26.04
CA GLN C 73 -6.21 27.77 -25.67
C GLN C 73 -5.25 27.23 -24.59
N VAL C 74 -3.96 27.51 -24.76
CA VAL C 74 -2.95 27.04 -23.81
C VAL C 74 -2.15 28.21 -23.26
N ARG C 75 -2.62 28.71 -22.12
CA ARG C 75 -2.02 29.84 -21.45
C ARG C 75 -0.98 29.34 -20.47
N ARG C 76 0.22 29.90 -20.53
CA ARG C 76 1.23 29.65 -19.52
C ARG C 76 1.19 30.78 -18.51
N LEU C 77 1.16 30.44 -17.23
CA LEU C 77 1.18 31.50 -16.22
C LEU C 77 2.51 31.62 -15.46
N SER C 78 2.51 32.55 -14.51
CA SER C 78 3.63 32.87 -13.62
C SER C 78 4.38 31.66 -13.09
N SER C 79 5.66 31.55 -13.46
CA SER C 79 6.48 30.41 -13.09
C SER C 79 6.55 30.16 -11.54
N GLU C 80 7.33 30.98 -10.83
CA GLU C 80 7.79 30.80 -9.43
C GLU C 80 6.96 29.92 -8.49
N LEU C 81 7.67 29.13 -7.68
CA LEU C 81 7.24 27.85 -7.09
C LEU C 81 8.44 26.92 -7.28
N GLU C 82 9.15 26.65 -6.19
CA GLU C 82 10.38 25.88 -6.26
C GLU C 82 10.30 24.62 -5.42
N HIS C 83 9.22 23.86 -5.57
CA HIS C 83 9.05 22.58 -4.88
C HIS C 83 9.45 21.43 -5.78
N ASP C 84 9.83 20.32 -5.16
CA ASP C 84 10.08 19.08 -5.86
C ASP C 84 8.81 18.28 -5.81
N TYR C 85 8.21 18.05 -6.97
CA TYR C 85 7.02 17.19 -7.00
C TYR C 85 7.46 15.74 -7.22
N GLN C 86 6.74 14.80 -6.59
CA GLN C 86 7.12 13.40 -6.66
C GLN C 86 7.11 12.90 -8.10
N GLY C 87 5.92 12.60 -8.62
CA GLY C 87 5.84 12.06 -9.97
C GLY C 87 5.19 13.09 -10.84
N PHE C 88 4.47 12.63 -11.83
CA PHE C 88 3.51 13.49 -12.50
C PHE C 88 2.14 12.87 -12.16
N GLU C 89 1.35 13.57 -11.33
CA GLU C 89 0.14 12.95 -10.84
C GLU C 89 -1.07 13.47 -11.58
N ILE C 90 -2.23 12.93 -11.20
CA ILE C 90 -3.49 13.36 -11.76
C ILE C 90 -4.47 13.67 -10.64
N LEU C 91 -4.98 14.90 -10.61
CA LEU C 91 -5.97 15.30 -9.61
C LEU C 91 -6.74 16.53 -10.05
N GLN D 4 -23.09 16.58 -15.67
CA GLN D 4 -23.61 15.71 -14.63
C GLN D 4 -22.75 15.63 -13.34
N CYS D 5 -21.97 16.68 -13.07
CA CYS D 5 -21.33 16.88 -11.76
C CYS D 5 -21.75 18.21 -11.12
N SER D 6 -22.33 18.18 -9.92
CA SER D 6 -22.66 19.46 -9.26
C SER D 6 -21.65 19.81 -8.16
N LYS D 7 -21.53 21.10 -7.85
CA LYS D 7 -20.72 21.52 -6.73
C LYS D 7 -21.64 22.08 -5.66
N PHE D 8 -21.44 21.69 -4.41
CA PHE D 8 -22.24 22.23 -3.32
C PHE D 8 -21.36 22.81 -2.23
N ILE D 9 -21.80 23.95 -1.68
CA ILE D 9 -21.12 24.51 -0.52
C ILE D 9 -22.08 24.41 0.66
N VAL D 10 -21.72 23.58 1.65
CA VAL D 10 -22.58 23.37 2.81
C VAL D 10 -22.04 24.21 3.96
N SER D 11 -22.91 24.86 4.73
CA SER D 11 -22.46 25.73 5.82
C SER D 11 -23.17 25.51 7.16
N GLY D 12 -22.52 25.90 8.25
CA GLY D 12 -23.08 25.74 9.59
C GLY D 12 -22.14 25.07 10.57
N HIS D 13 -22.66 24.13 11.36
CA HIS D 13 -21.78 23.29 12.16
C HIS D 13 -21.62 21.95 11.46
N VAL D 14 -20.58 21.87 10.62
CA VAL D 14 -20.45 20.79 9.64
C VAL D 14 -19.09 20.10 9.59
N GLN D 15 -18.09 20.69 10.23
CA GLN D 15 -16.74 20.11 10.22
C GLN D 15 -16.35 19.39 11.50
N GLY D 16 -15.89 18.15 11.35
CA GLY D 16 -15.52 17.33 12.48
C GLY D 16 -16.76 16.85 13.21
N VAL D 17 -17.78 16.55 12.43
CA VAL D 17 -19.05 16.10 13.01
C VAL D 17 -19.59 15.03 12.08
N GLY D 18 -18.66 14.28 11.50
CA GLY D 18 -18.98 13.12 10.69
C GLY D 18 -19.64 13.46 9.38
N PHE D 19 -19.80 14.75 9.11
CA PHE D 19 -20.52 15.18 7.90
C PHE D 19 -19.84 14.69 6.61
N CYS D 20 -18.54 14.99 6.44
CA CYS D 20 -17.82 14.51 5.26
C CYS D 20 -18.01 13.01 5.12
N TYR D 21 -17.74 12.27 6.18
CA TYR D 21 -17.91 10.81 6.17
C TYR D 21 -19.35 10.35 5.90
N HIS D 22 -20.34 10.92 6.60
CA HIS D 22 -21.72 10.49 6.32
C HIS D 22 -22.07 10.84 4.87
N THR D 23 -21.64 12.01 4.42
CA THR D 23 -21.94 12.42 3.06
C THR D 23 -21.44 11.37 2.08
N SER D 24 -20.12 11.14 2.05
CA SER D 24 -19.57 10.19 1.10
C SER D 24 -20.28 8.83 1.15
N HIS D 25 -20.70 8.40 2.35
CA HIS D 25 -21.44 7.15 2.49
C HIS D 25 -22.75 7.22 1.74
N GLN D 26 -23.48 8.31 1.97
CA GLN D 26 -24.77 8.52 1.34
C GLN D 26 -24.61 8.56 -0.16
N GLY D 27 -23.57 9.26 -0.59
CA GLY D 27 -23.21 9.31 -1.98
C GLY D 27 -23.02 7.93 -2.59
N LEU D 28 -22.11 7.14 -2.02
CA LEU D 28 -21.78 5.82 -2.57
C LEU D 28 -22.96 4.86 -2.58
N LYS D 29 -23.87 5.02 -1.61
CA LYS D 29 -25.13 4.29 -1.61
C LYS D 29 -25.96 4.68 -2.83
N LEU D 30 -25.90 5.97 -3.19
CA LEU D 30 -26.66 6.54 -4.31
C LEU D 30 -26.06 6.21 -5.66
N GLY D 31 -24.79 5.81 -5.68
CA GLY D 31 -24.12 5.48 -6.93
C GLY D 31 -23.12 6.54 -7.40
N LEU D 32 -22.92 7.52 -6.55
CA LEU D 32 -22.23 8.76 -6.88
C LEU D 32 -20.73 8.71 -6.63
N THR D 33 -19.98 9.56 -7.32
CA THR D 33 -18.55 9.67 -7.10
C THR D 33 -18.14 11.15 -6.91
N GLY D 34 -17.18 11.43 -6.04
CA GLY D 34 -16.76 12.80 -5.82
C GLY D 34 -15.90 13.06 -4.60
N TYR D 35 -16.21 14.11 -3.85
CA TYR D 35 -15.52 14.31 -2.59
C TYR D 35 -16.28 15.24 -1.70
N ALA D 36 -15.81 15.36 -0.47
CA ALA D 36 -16.25 16.38 0.46
C ALA D 36 -14.99 16.96 1.07
N LYS D 37 -14.75 18.24 0.82
CA LYS D 37 -13.49 18.87 1.21
C LYS D 37 -13.73 19.89 2.31
N ASN D 38 -12.82 19.93 3.27
CA ASN D 38 -12.99 20.82 4.40
C ASN D 38 -12.36 22.16 4.02
N LEU D 39 -13.14 23.22 4.20
CA LEU D 39 -12.73 24.57 3.81
C LEU D 39 -12.39 25.41 5.02
N ASN D 40 -11.48 26.35 4.81
CA ASN D 40 -10.95 27.18 5.90
C ASN D 40 -12.00 27.96 6.69
N ASN D 41 -12.83 28.68 5.95
CA ASN D 41 -13.95 29.42 6.51
C ASN D 41 -14.87 28.58 7.38
N GLY D 42 -14.87 27.27 7.17
CA GLY D 42 -15.70 26.38 7.97
C GLY D 42 -16.58 25.48 7.14
N ASP D 43 -17.05 26.00 6.01
CA ASP D 43 -17.97 25.29 5.12
C ASP D 43 -17.39 24.00 4.49
N VAL D 44 -18.27 23.13 3.97
CA VAL D 44 -17.81 21.93 3.29
C VAL D 44 -18.13 21.89 1.79
N GLU D 45 -17.09 21.72 0.98
CA GLU D 45 -17.23 21.63 -0.47
C GLU D 45 -17.46 20.18 -0.88
N VAL D 46 -18.72 19.83 -1.12
CA VAL D 46 -19.10 18.54 -1.65
C VAL D 46 -19.32 18.65 -3.14
N VAL D 47 -18.67 17.78 -3.91
CA VAL D 47 -18.79 17.76 -5.36
C VAL D 47 -19.20 16.35 -5.76
N ALA D 48 -20.41 16.15 -6.26
CA ALA D 48 -20.82 14.80 -6.66
C ALA D 48 -20.85 14.62 -8.18
N CYS D 49 -20.96 13.37 -8.63
CA CYS D 49 -21.10 13.09 -10.06
C CYS D 49 -21.95 11.85 -10.30
N GLY D 50 -23.06 12.02 -11.02
CA GLY D 50 -23.90 10.89 -11.39
C GLY D 50 -24.95 11.24 -12.42
N THR D 51 -26.06 10.52 -12.37
CA THR D 51 -27.27 10.93 -13.08
C THR D 51 -27.89 12.06 -12.26
N PRO D 52 -28.51 13.03 -12.92
CA PRO D 52 -29.10 14.17 -12.21
C PRO D 52 -30.18 13.84 -11.18
N GLU D 53 -30.83 12.67 -11.24
CA GLU D 53 -31.83 12.32 -10.23
C GLU D 53 -31.12 12.01 -8.94
N ARG D 54 -30.15 11.11 -9.03
CA ARG D 54 -29.29 10.75 -7.91
C ARG D 54 -28.59 11.98 -7.39
N LEU D 55 -28.33 12.93 -8.27
CA LEU D 55 -27.80 14.22 -7.87
C LEU D 55 -28.84 15.06 -7.12
N GLU D 56 -30.11 14.90 -7.46
CA GLU D 56 -31.14 15.63 -6.74
C GLU D 56 -31.37 15.00 -5.39
N GLU D 57 -31.36 13.67 -5.36
CA GLU D 57 -31.47 12.91 -4.12
C GLU D 57 -30.45 13.40 -3.09
N LEU D 58 -29.21 13.60 -3.54
CA LEU D 58 -28.14 14.05 -2.66
C LEU D 58 -28.33 15.50 -2.22
N TYR D 59 -28.81 16.35 -3.13
CA TYR D 59 -29.16 17.71 -2.79
C TYR D 59 -30.05 17.63 -1.56
N LEU D 60 -31.17 16.93 -1.72
CA LEU D 60 -32.15 16.79 -0.66
C LEU D 60 -31.57 16.21 0.62
N TRP D 61 -30.76 15.16 0.51
CA TRP D 61 -30.15 14.58 1.70
C TRP D 61 -29.31 15.62 2.41
N LEU D 62 -28.60 16.44 1.63
CA LEU D 62 -27.73 17.48 2.17
C LEU D 62 -28.52 18.52 2.97
N GLN D 63 -29.78 18.69 2.58
CA GLN D 63 -30.67 19.64 3.22
C GLN D 63 -31.46 19.03 4.38
N GLU D 64 -32.26 18.01 4.09
CA GLU D 64 -33.20 17.50 5.07
C GLU D 64 -32.66 16.29 5.82
N GLY D 65 -31.75 15.57 5.18
CA GLY D 65 -31.25 14.30 5.68
C GLY D 65 -30.95 14.25 7.17
N PRO D 66 -31.35 13.14 7.81
CA PRO D 66 -30.94 12.90 9.20
C PRO D 66 -29.43 12.78 9.22
N LYS D 67 -28.78 13.64 9.99
CA LYS D 67 -27.33 13.66 10.10
C LYS D 67 -26.95 14.31 11.40
N THR D 68 -25.68 14.18 11.78
CA THR D 68 -25.19 14.73 13.04
C THR D 68 -25.03 16.25 12.96
N ALA D 69 -24.43 16.72 11.87
CA ALA D 69 -24.17 18.14 11.68
C ALA D 69 -25.42 19.00 11.69
N SER D 70 -25.27 20.27 12.03
CA SER D 70 -26.37 21.24 11.89
C SER D 70 -26.19 22.06 10.61
N VAL D 71 -26.96 21.75 9.58
CA VAL D 71 -26.78 22.42 8.28
C VAL D 71 -27.61 23.69 8.12
N ARG D 72 -26.95 24.84 8.21
CA ARG D 72 -27.61 26.09 7.91
C ARG D 72 -27.90 26.24 6.40
N GLN D 73 -26.89 26.37 5.55
CA GLN D 73 -27.17 26.52 4.11
C GLN D 73 -26.58 25.45 3.17
N VAL D 74 -27.28 25.19 2.08
CA VAL D 74 -26.79 24.35 0.99
C VAL D 74 -27.06 25.03 -0.36
N ARG D 75 -25.99 25.45 -1.03
CA ARG D 75 -26.08 26.28 -2.23
C ARG D 75 -25.58 25.57 -3.46
N ARG D 76 -26.45 25.05 -4.34
CA ARG D 76 -25.88 24.42 -5.53
C ARG D 76 -25.11 25.45 -6.36
N LEU D 77 -24.00 25.01 -6.94
CA LEU D 77 -23.01 25.96 -7.42
C LEU D 77 -22.36 25.66 -8.78
N SER D 78 -22.88 24.68 -9.51
CA SER D 78 -22.55 24.49 -10.94
C SER D 78 -21.08 24.25 -11.30
N SER D 79 -20.83 23.12 -11.95
CA SER D 79 -19.48 22.72 -12.26
C SER D 79 -19.49 22.38 -13.74
N GLU D 80 -18.35 22.52 -14.39
CA GLU D 80 -18.23 22.02 -15.76
C GLU D 80 -17.15 20.95 -15.79
N LEU D 81 -17.24 19.99 -14.88
CA LEU D 81 -16.16 19.02 -14.81
C LEU D 81 -16.58 17.59 -15.11
N GLU D 82 -15.69 16.87 -15.78
CA GLU D 82 -15.98 15.55 -16.34
C GLU D 82 -15.24 14.50 -15.56
N HIS D 83 -13.96 14.79 -15.30
CA HIS D 83 -13.06 13.91 -14.57
C HIS D 83 -13.77 12.90 -13.69
N ASP D 84 -13.49 11.63 -13.98
CA ASP D 84 -13.99 10.51 -13.19
C ASP D 84 -13.28 10.50 -11.85
N TYR D 85 -13.96 10.97 -10.80
CA TYR D 85 -13.46 10.85 -9.43
C TYR D 85 -13.70 9.43 -8.99
N GLN D 86 -12.66 8.79 -8.45
CA GLN D 86 -12.73 7.35 -8.21
C GLN D 86 -13.73 6.98 -7.12
N GLY D 87 -13.56 7.55 -5.93
CA GLY D 87 -14.45 7.18 -4.85
C GLY D 87 -15.35 8.30 -4.43
N PHE D 88 -15.47 8.47 -3.12
CA PHE D 88 -16.04 9.69 -2.58
C PHE D 88 -15.16 10.22 -1.46
N GLU D 89 -14.01 10.79 -1.82
CA GLU D 89 -12.96 11.09 -0.86
C GLU D 89 -13.35 12.07 0.23
N ILE D 90 -12.57 12.08 1.29
CA ILE D 90 -12.60 13.15 2.24
C ILE D 90 -11.30 13.93 2.00
N LEU D 91 -11.39 15.25 1.94
CA LEU D 91 -10.21 16.13 1.79
C LEU D 91 -10.33 17.33 2.74
N GLN E 4 -10.43 13.47 25.37
CA GLN E 4 -11.88 13.39 25.40
C GLN E 4 -12.38 11.99 25.00
N CYS E 5 -11.80 10.95 25.60
CA CYS E 5 -12.12 9.57 25.21
C CYS E 5 -12.78 8.76 26.32
N SER E 6 -13.68 7.86 25.93
CA SER E 6 -14.37 6.98 26.87
C SER E 6 -14.07 5.51 26.52
N LYS E 7 -14.17 4.61 27.51
CA LYS E 7 -14.01 3.17 27.24
C LYS E 7 -15.33 2.44 27.46
N PHE E 8 -15.62 1.48 26.60
CA PHE E 8 -16.89 0.75 26.70
C PHE E 8 -16.70 -0.77 26.64
N ILE E 9 -17.30 -1.49 27.57
CA ILE E 9 -17.09 -2.93 27.54
C ILE E 9 -18.38 -3.68 27.19
N VAL E 10 -18.67 -3.74 25.89
CA VAL E 10 -19.89 -4.41 25.43
C VAL E 10 -19.79 -5.93 25.55
N SER E 11 -20.73 -6.50 26.29
CA SER E 11 -20.82 -7.93 26.48
C SER E 11 -22.12 -8.45 25.85
N GLY E 12 -22.15 -9.73 25.51
CA GLY E 12 -23.32 -10.31 24.91
C GLY E 12 -22.90 -11.11 23.72
N HIS E 13 -23.78 -11.22 22.74
CA HIS E 13 -23.46 -11.93 21.51
C HIS E 13 -23.04 -10.87 20.51
N VAL E 14 -21.76 -10.48 20.58
CA VAL E 14 -21.31 -9.29 19.89
C VAL E 14 -20.14 -9.54 18.96
N GLN E 15 -19.66 -10.77 18.93
CA GLN E 15 -18.55 -11.08 18.04
C GLN E 15 -18.97 -11.85 16.81
N GLY E 16 -18.48 -11.41 15.66
CA GLY E 16 -18.72 -12.10 14.42
C GLY E 16 -20.07 -11.75 13.83
N VAL E 17 -20.76 -10.85 14.51
CA VAL E 17 -22.11 -10.50 14.11
C VAL E 17 -22.18 -9.05 13.65
N GLY E 18 -21.17 -8.64 12.88
CA GLY E 18 -21.10 -7.30 12.33
C GLY E 18 -20.98 -6.15 13.32
N PHE E 19 -21.04 -6.45 14.62
CA PHE E 19 -21.03 -5.43 15.68
C PHE E 19 -19.85 -4.43 15.58
N CYS E 20 -18.67 -4.95 15.24
CA CYS E 20 -17.47 -4.11 15.15
C CYS E 20 -17.43 -3.22 13.90
N TYR E 21 -17.78 -3.79 12.74
CA TYR E 21 -17.95 -2.98 11.54
C TYR E 21 -19.06 -1.96 11.73
N HIS E 22 -20.14 -2.39 12.35
CA HIS E 22 -21.30 -1.52 12.52
C HIS E 22 -20.98 -0.35 13.46
N THR E 23 -20.37 -0.67 14.61
CA THR E 23 -20.06 0.35 15.60
C THR E 23 -19.10 1.34 15.02
N SER E 24 -18.09 0.83 14.31
CA SER E 24 -17.04 1.68 13.76
C SER E 24 -17.64 2.62 12.74
N HIS E 25 -18.66 2.14 12.04
CA HIS E 25 -19.39 2.98 11.10
C HIS E 25 -20.18 4.02 11.89
N GLN E 26 -21.06 3.59 12.78
CA GLN E 26 -21.92 4.51 13.52
C GLN E 26 -21.17 5.65 14.22
N GLY E 27 -19.91 5.40 14.57
CA GLY E 27 -19.12 6.41 15.25
C GLY E 27 -18.38 7.33 14.28
N LEU E 28 -18.12 6.81 13.09
CA LEU E 28 -17.53 7.61 12.04
C LEU E 28 -18.56 8.63 11.54
N LYS E 29 -19.84 8.30 11.73
CA LYS E 29 -20.94 9.20 11.42
C LYS E 29 -21.13 10.25 12.51
N LEU E 30 -20.71 9.95 13.74
CA LEU E 30 -20.79 10.96 14.79
C LEU E 30 -19.56 11.87 14.82
N GLY E 31 -18.65 11.65 13.87
CA GLY E 31 -17.42 12.42 13.81
C GLY E 31 -16.45 12.00 14.90
N LEU E 32 -16.67 10.80 15.44
CA LEU E 32 -15.83 10.23 16.48
C LEU E 32 -14.62 9.48 15.90
N THR E 33 -13.59 9.30 16.74
CA THR E 33 -12.48 8.46 16.37
C THR E 33 -12.36 7.36 17.44
N GLY E 34 -11.46 6.40 17.25
CA GLY E 34 -11.25 5.32 18.21
C GLY E 34 -11.11 3.94 17.58
N TYR E 35 -11.56 2.91 18.29
CA TYR E 35 -11.49 1.52 17.80
C TYR E 35 -12.55 0.62 18.43
N ALA E 36 -12.64 -0.61 17.94
CA ALA E 36 -13.54 -1.58 18.53
C ALA E 36 -12.85 -2.91 18.43
N LYS E 37 -12.20 -3.31 19.53
CA LYS E 37 -11.32 -4.49 19.58
C LYS E 37 -12.00 -5.70 20.22
N ASN E 38 -11.82 -6.87 19.60
CA ASN E 38 -12.44 -8.13 20.07
C ASN E 38 -11.60 -8.80 21.17
N LEU E 39 -12.27 -9.13 22.28
CA LEU E 39 -11.61 -9.64 23.47
C LEU E 39 -11.85 -11.12 23.62
N ASN E 40 -10.86 -11.81 24.18
CA ASN E 40 -10.91 -13.26 24.34
C ASN E 40 -12.08 -13.81 25.18
N ASN E 41 -12.71 -13.00 26.02
CA ASN E 41 -13.83 -13.55 26.79
C ASN E 41 -15.16 -13.53 26.04
N GLY E 42 -15.19 -12.87 24.89
CA GLY E 42 -16.39 -12.79 24.07
C GLY E 42 -16.99 -11.40 24.06
N ASP E 43 -16.33 -10.49 24.76
CA ASP E 43 -16.70 -9.08 24.81
C ASP E 43 -16.05 -8.28 23.68
N VAL E 44 -16.49 -7.04 23.55
CA VAL E 44 -15.93 -6.10 22.58
C VAL E 44 -15.58 -4.80 23.31
N GLU E 45 -14.29 -4.47 23.33
CA GLU E 45 -13.80 -3.21 23.90
C GLU E 45 -13.84 -2.07 22.87
N VAL E 46 -14.81 -1.17 23.02
CA VAL E 46 -14.97 -0.01 22.17
C VAL E 46 -14.43 1.25 22.83
N VAL E 47 -13.36 1.82 22.28
CA VAL E 47 -12.85 3.10 22.76
C VAL E 47 -13.14 4.17 21.73
N ALA E 48 -13.73 5.29 22.15
CA ALA E 48 -14.14 6.32 21.20
C ALA E 48 -13.88 7.71 21.71
N CYS E 49 -13.27 8.54 20.86
CA CYS E 49 -12.87 9.89 21.23
C CYS E 49 -13.62 10.99 20.48
N GLY E 50 -14.11 11.97 21.23
CA GLY E 50 -14.82 13.09 20.66
C GLY E 50 -15.47 13.94 21.72
N THR E 51 -16.41 14.78 21.29
CA THR E 51 -17.13 15.63 22.22
C THR E 51 -18.07 14.76 23.07
N PRO E 52 -18.16 15.07 24.37
CA PRO E 52 -18.87 14.20 25.33
C PRO E 52 -20.27 13.87 24.86
N GLU E 53 -20.84 14.76 24.04
CA GLU E 53 -22.22 14.64 23.60
C GLU E 53 -22.38 13.55 22.55
N ARG E 54 -21.41 13.47 21.65
CA ARG E 54 -21.38 12.42 20.62
C ARG E 54 -21.11 11.07 21.28
N LEU E 55 -20.26 11.09 22.31
CA LEU E 55 -20.05 9.95 23.17
C LEU E 55 -21.37 9.45 23.80
N GLU E 56 -22.22 10.37 24.23
CA GLU E 56 -23.49 9.95 24.81
C GLU E 56 -24.39 9.33 23.75
N GLU E 57 -24.30 9.83 22.52
CA GLU E 57 -25.11 9.32 21.43
C GLU E 57 -24.70 7.90 21.11
N LEU E 58 -23.37 7.70 21.15
CA LEU E 58 -22.76 6.41 20.89
C LEU E 58 -22.97 5.41 22.04
N TYR E 59 -22.82 5.86 23.28
CA TYR E 59 -23.16 5.02 24.42
C TYR E 59 -24.59 4.51 24.31
N LEU E 60 -25.50 5.43 23.99
CA LEU E 60 -26.88 5.07 23.74
C LEU E 60 -26.97 4.08 22.60
N TRP E 61 -26.24 4.35 21.52
CA TRP E 61 -26.32 3.48 20.35
C TRP E 61 -25.88 2.05 20.65
N LEU E 62 -24.84 1.92 21.48
CA LEU E 62 -24.34 0.61 21.94
C LEU E 62 -25.45 -0.17 22.64
N GLN E 63 -26.20 0.51 23.48
CA GLN E 63 -27.30 -0.14 24.17
C GLN E 63 -28.44 -0.47 23.19
N GLU E 64 -29.36 0.47 23.03
CA GLU E 64 -30.68 0.19 22.42
C GLU E 64 -30.82 0.43 20.90
N GLY E 65 -29.75 0.89 20.25
CA GLY E 65 -29.81 1.10 18.81
C GLY E 65 -30.06 -0.16 18.02
N PRO E 66 -30.42 -0.03 16.74
CA PRO E 66 -30.65 -1.20 15.89
C PRO E 66 -29.34 -1.76 15.34
N LYS E 67 -29.15 -3.06 15.47
CA LYS E 67 -27.90 -3.73 15.08
C LYS E 67 -28.11 -5.24 15.10
N THR E 68 -27.29 -5.99 14.37
CA THR E 68 -27.49 -7.42 14.29
C THR E 68 -27.23 -8.06 15.64
N ALA E 69 -26.22 -7.54 16.33
CA ALA E 69 -25.76 -8.11 17.59
C ALA E 69 -26.80 -8.11 18.72
N SER E 70 -26.79 -9.18 19.52
CA SER E 70 -27.56 -9.23 20.77
C SER E 70 -26.72 -8.66 21.92
N VAL E 71 -26.88 -7.37 22.20
CA VAL E 71 -26.14 -6.72 23.28
C VAL E 71 -26.86 -6.86 24.61
N ARG E 72 -26.17 -7.45 25.58
CA ARG E 72 -26.73 -7.63 26.91
C ARG E 72 -26.36 -6.48 27.84
N GLN E 73 -25.06 -6.26 28.05
CA GLN E 73 -24.67 -5.16 28.94
C GLN E 73 -23.53 -4.28 28.43
N VAL E 74 -23.65 -2.97 28.66
CA VAL E 74 -22.61 -2.03 28.31
C VAL E 74 -22.10 -1.30 29.55
N ARG E 75 -20.84 -1.52 29.89
CA ARG E 75 -20.26 -0.89 31.07
C ARG E 75 -19.31 0.22 30.68
N ARG E 76 -19.74 1.47 30.81
CA ARG E 76 -18.81 2.55 30.55
C ARG E 76 -17.73 2.48 31.61
N LEU E 77 -16.49 2.62 31.18
CA LEU E 77 -15.36 2.76 32.10
C LEU E 77 -14.68 4.10 31.92
N SER E 78 -14.02 4.59 32.96
CA SER E 78 -13.26 5.81 32.89
C SER E 78 -12.06 5.53 32.01
N SER E 79 -11.55 6.60 31.40
CA SER E 79 -10.30 6.54 30.66
C SER E 79 -9.70 7.93 30.60
N GLU E 80 -8.39 8.01 30.81
CA GLU E 80 -7.64 9.25 30.67
C GLU E 80 -6.73 9.00 29.49
N LEU E 81 -7.21 9.32 28.30
CA LEU E 81 -6.56 8.91 27.05
C LEU E 81 -6.62 10.04 26.02
N GLU E 82 -5.50 10.69 25.75
CA GLU E 82 -5.52 11.89 24.90
C GLU E 82 -4.70 11.75 23.61
N HIS E 83 -4.73 10.54 23.05
CA HIS E 83 -4.04 10.26 21.80
C HIS E 83 -5.05 10.32 20.68
N ASP E 84 -4.62 10.85 19.54
CA ASP E 84 -5.49 11.01 18.39
C ASP E 84 -5.61 9.69 17.66
N TYR E 85 -6.79 9.09 17.70
CA TYR E 85 -6.96 7.85 16.98
C TYR E 85 -7.38 8.11 15.54
N GLN E 86 -6.65 7.53 14.60
CA GLN E 86 -6.96 7.68 13.20
C GLN E 86 -8.07 6.74 12.74
N GLY E 87 -9.27 7.29 12.61
CA GLY E 87 -10.42 6.57 12.11
C GLY E 87 -11.18 5.85 13.20
N PHE E 88 -11.61 4.64 12.86
CA PHE E 88 -12.29 3.77 13.80
C PHE E 88 -12.04 2.38 13.28
N GLU E 89 -10.88 1.83 13.66
CA GLU E 89 -10.39 0.55 13.16
C GLU E 89 -11.08 -0.64 13.80
N ILE E 90 -10.86 -1.83 13.25
CA ILE E 90 -11.35 -3.03 13.93
C ILE E 90 -10.20 -3.85 14.52
N LEU E 91 -10.28 -4.05 15.83
CA LEU E 91 -9.20 -4.57 16.66
C LEU E 91 -8.10 -3.52 16.76
N GLN F 4 -21.17 -21.11 6.30
CA GLN F 4 -21.59 -21.57 4.97
C GLN F 4 -21.93 -20.43 4.01
N CYS F 5 -21.87 -20.72 2.71
CA CYS F 5 -21.97 -19.70 1.65
C CYS F 5 -23.24 -19.82 0.80
N SER F 6 -23.57 -18.76 0.07
CA SER F 6 -24.71 -18.75 -0.87
C SER F 6 -24.47 -17.86 -2.09
N LYS F 7 -25.20 -18.12 -3.18
CA LYS F 7 -25.03 -17.35 -4.43
C LYS F 7 -26.30 -16.61 -4.82
N PHE F 8 -26.16 -15.34 -5.19
CA PHE F 8 -27.30 -14.53 -5.58
C PHE F 8 -27.10 -13.82 -6.91
N ILE F 9 -27.93 -14.12 -7.90
CA ILE F 9 -27.94 -13.33 -9.12
C ILE F 9 -29.10 -12.33 -9.04
N VAL F 10 -28.77 -11.07 -8.81
CA VAL F 10 -29.77 -10.01 -8.77
C VAL F 10 -29.83 -9.36 -10.13
N SER F 11 -31.04 -9.20 -10.68
CA SER F 11 -31.23 -8.47 -11.94
C SER F 11 -32.22 -7.31 -11.81
N GLY F 12 -32.08 -6.35 -12.72
CA GLY F 12 -32.91 -5.16 -12.71
C GLY F 12 -32.10 -3.96 -13.14
N HIS F 13 -32.39 -2.81 -12.55
CA HIS F 13 -31.52 -1.65 -12.70
C HIS F 13 -30.59 -1.60 -11.49
N VAL F 14 -29.51 -2.39 -11.55
CA VAL F 14 -28.70 -2.67 -10.36
C VAL F 14 -27.22 -2.19 -10.48
N GLN F 15 -26.73 -2.04 -11.70
CA GLN F 15 -25.39 -1.51 -11.91
C GLN F 15 -25.38 0.03 -11.97
N GLY F 16 -24.38 0.62 -11.32
CA GLY F 16 -24.17 2.05 -11.38
C GLY F 16 -25.07 2.85 -10.45
N VAL F 17 -25.94 2.14 -9.77
CA VAL F 17 -26.87 2.80 -8.88
C VAL F 17 -26.48 2.57 -7.42
N GLY F 18 -25.21 2.28 -7.18
CA GLY F 18 -24.69 2.13 -5.83
C GLY F 18 -25.07 0.83 -5.15
N PHE F 19 -25.68 -0.08 -5.92
CA PHE F 19 -26.16 -1.35 -5.38
C PHE F 19 -25.04 -2.17 -4.77
N CYS F 20 -23.95 -2.34 -5.50
CA CYS F 20 -22.83 -3.14 -5.03
C CYS F 20 -22.34 -2.68 -3.66
N TYR F 21 -21.90 -1.42 -3.56
CA TYR F 21 -21.55 -0.80 -2.27
C TYR F 21 -22.57 -1.09 -1.16
N HIS F 22 -23.79 -0.58 -1.33
CA HIS F 22 -24.88 -0.75 -0.37
C HIS F 22 -25.10 -2.22 0.02
N THR F 23 -24.87 -3.13 -0.91
CA THR F 23 -24.94 -4.56 -0.60
C THR F 23 -23.78 -4.91 0.32
N SER F 24 -22.57 -4.48 -0.02
CA SER F 24 -21.43 -4.83 0.79
C SER F 24 -21.57 -4.15 2.15
N HIS F 25 -22.37 -3.09 2.23
CA HIS F 25 -22.56 -2.44 3.50
C HIS F 25 -23.50 -3.27 4.35
N GLN F 26 -24.68 -3.60 3.84
CA GLN F 26 -25.59 -4.47 4.58
C GLN F 26 -24.84 -5.70 5.01
N GLY F 27 -24.02 -6.22 4.11
CA GLY F 27 -23.21 -7.40 4.37
C GLY F 27 -22.34 -7.30 5.61
N LEU F 28 -21.39 -6.35 5.57
CA LEU F 28 -20.48 -6.11 6.68
C LEU F 28 -21.22 -5.73 7.97
N LYS F 29 -22.49 -5.35 7.84
CA LYS F 29 -23.29 -5.04 9.01
C LYS F 29 -23.88 -6.30 9.68
N LEU F 30 -24.16 -7.32 8.88
CA LEU F 30 -24.76 -8.55 9.36
C LEU F 30 -23.67 -9.52 9.80
N GLY F 31 -22.42 -9.10 9.61
CA GLY F 31 -21.27 -9.92 9.96
C GLY F 31 -20.80 -10.82 8.84
N LEU F 32 -21.51 -10.81 7.71
CA LEU F 32 -21.13 -11.61 6.57
C LEU F 32 -19.78 -11.25 5.91
N THR F 33 -19.30 -12.17 5.08
CA THR F 33 -18.15 -11.93 4.23
C THR F 33 -18.63 -12.31 2.83
N GLY F 34 -17.93 -11.85 1.80
CA GLY F 34 -18.28 -12.20 0.43
C GLY F 34 -17.90 -11.16 -0.61
N TYR F 35 -18.62 -11.16 -1.74
CA TYR F 35 -18.39 -10.19 -2.83
C TYR F 35 -19.64 -9.87 -3.64
N ALA F 36 -19.62 -8.72 -4.33
CA ALA F 36 -20.66 -8.36 -5.29
C ALA F 36 -19.98 -8.08 -6.60
N LYS F 37 -20.21 -8.92 -7.61
CA LYS F 37 -19.51 -8.76 -8.89
C LYS F 37 -20.43 -8.31 -10.03
N ASN F 38 -20.06 -7.21 -10.68
CA ASN F 38 -20.82 -6.68 -11.81
C ASN F 38 -20.61 -7.58 -13.01
N LEU F 39 -21.72 -8.08 -13.57
CA LEU F 39 -21.70 -9.06 -14.65
C LEU F 39 -21.87 -8.38 -16.00
N ASN F 40 -21.41 -9.04 -17.05
CA ASN F 40 -21.55 -8.46 -18.39
C ASN F 40 -23.00 -8.33 -18.87
N ASN F 41 -23.85 -9.24 -18.41
CA ASN F 41 -25.25 -9.22 -18.81
C ASN F 41 -26.02 -8.04 -18.21
N GLY F 42 -25.48 -7.44 -17.15
CA GLY F 42 -26.20 -6.38 -16.46
C GLY F 42 -26.70 -6.71 -15.04
N ASP F 43 -26.69 -8.00 -14.69
CA ASP F 43 -26.97 -8.46 -13.32
C ASP F 43 -25.76 -8.36 -12.41
N VAL F 44 -26.03 -8.31 -11.12
CA VAL F 44 -24.97 -8.32 -10.13
C VAL F 44 -24.99 -9.63 -9.31
N GLU F 45 -23.90 -10.40 -9.40
CA GLU F 45 -23.73 -11.64 -8.62
C GLU F 45 -23.18 -11.33 -7.21
N VAL F 46 -23.97 -11.66 -6.19
CA VAL F 46 -23.56 -11.46 -4.80
C VAL F 46 -23.28 -12.81 -4.15
N VAL F 47 -22.12 -12.97 -3.54
CA VAL F 47 -21.80 -14.19 -2.78
C VAL F 47 -21.71 -13.83 -1.30
N ALA F 48 -22.41 -14.56 -0.45
CA ALA F 48 -22.37 -14.16 0.95
C ALA F 48 -22.27 -15.32 1.94
N CYS F 49 -21.35 -15.17 2.90
CA CYS F 49 -20.97 -16.27 3.78
C CYS F 49 -21.18 -16.01 5.27
N GLY F 50 -21.89 -16.92 5.91
CA GLY F 50 -22.12 -16.84 7.34
C GLY F 50 -23.18 -17.78 7.82
N THR F 51 -23.64 -17.54 9.05
CA THR F 51 -24.78 -18.24 9.59
C THR F 51 -25.96 -18.07 8.63
N PRO F 52 -26.69 -19.17 8.39
CA PRO F 52 -27.85 -19.17 7.49
C PRO F 52 -28.99 -18.22 7.88
N GLU F 53 -29.04 -17.75 9.11
CA GLU F 53 -30.06 -16.77 9.50
C GLU F 53 -29.69 -15.40 8.95
N ARG F 54 -28.40 -15.08 9.01
CA ARG F 54 -27.90 -13.82 8.46
C ARG F 54 -28.03 -13.82 6.95
N LEU F 55 -27.92 -15.02 6.36
CA LEU F 55 -28.13 -15.16 4.92
C LEU F 55 -29.58 -14.84 4.54
N GLU F 56 -30.53 -15.36 5.31
CA GLU F 56 -31.94 -15.04 5.07
C GLU F 56 -32.23 -13.56 5.29
N GLU F 57 -31.44 -12.92 6.16
CA GLU F 57 -31.55 -11.48 6.34
C GLU F 57 -31.08 -10.79 5.07
N LEU F 58 -29.92 -11.17 4.54
CA LEU F 58 -29.38 -10.50 3.37
C LEU F 58 -30.28 -10.79 2.18
N TYR F 59 -30.66 -12.05 2.03
CA TYR F 59 -31.56 -12.48 0.98
C TYR F 59 -32.83 -11.65 1.03
N LEU F 60 -33.34 -11.41 2.23
CA LEU F 60 -34.52 -10.56 2.36
C LEU F 60 -34.23 -9.15 1.85
N TRP F 61 -33.19 -8.53 2.41
CA TRP F 61 -32.85 -7.15 2.08
C TRP F 61 -32.55 -6.96 0.60
N LEU F 62 -32.11 -8.02 -0.07
CA LEU F 62 -31.88 -7.96 -1.51
C LEU F 62 -33.19 -7.81 -2.26
N GLN F 63 -34.22 -8.47 -1.77
CA GLN F 63 -35.54 -8.22 -2.31
C GLN F 63 -36.04 -6.88 -1.79
N GLU F 64 -36.66 -6.92 -0.62
CA GLU F 64 -37.46 -5.80 -0.12
C GLU F 64 -36.67 -4.59 0.41
N GLY F 65 -35.38 -4.75 0.70
CA GLY F 65 -34.62 -3.71 1.36
C GLY F 65 -34.66 -2.33 0.71
N PRO F 66 -34.77 -1.27 1.53
CA PRO F 66 -34.67 0.10 1.00
C PRO F 66 -33.36 0.27 0.30
N LYS F 67 -33.40 0.58 -0.99
CA LYS F 67 -32.18 0.80 -1.75
C LYS F 67 -32.42 1.61 -3.02
N THR F 68 -31.36 2.24 -3.52
CA THR F 68 -31.42 3.02 -4.75
C THR F 68 -31.73 2.18 -6.00
N ALA F 69 -31.21 0.96 -6.02
CA ALA F 69 -31.39 0.11 -7.20
C ALA F 69 -32.85 -0.27 -7.39
N SER F 70 -33.23 -0.52 -8.63
CA SER F 70 -34.55 -1.03 -8.96
C SER F 70 -34.44 -2.54 -9.18
N VAL F 71 -34.66 -3.29 -8.11
CA VAL F 71 -34.50 -4.74 -8.20
C VAL F 71 -35.73 -5.46 -8.74
N ARG F 72 -35.57 -6.06 -9.92
CA ARG F 72 -36.63 -6.92 -10.44
C ARG F 72 -36.67 -8.31 -9.78
N GLN F 73 -35.62 -9.10 -9.96
CA GLN F 73 -35.59 -10.46 -9.42
C GLN F 73 -34.29 -10.84 -8.72
N VAL F 74 -34.38 -11.66 -7.68
CA VAL F 74 -33.20 -12.21 -6.99
C VAL F 74 -33.18 -13.73 -6.97
N ARG F 75 -32.28 -14.34 -7.75
CA ARG F 75 -32.18 -15.80 -7.82
C ARG F 75 -31.15 -16.42 -6.83
N ARG F 76 -31.61 -17.33 -5.98
CA ARG F 76 -30.68 -18.00 -5.08
C ARG F 76 -30.10 -19.25 -5.71
N LEU F 77 -28.78 -19.26 -5.93
CA LEU F 77 -28.14 -20.46 -6.45
C LEU F 77 -27.38 -21.31 -5.42
N SER F 78 -27.02 -22.51 -5.88
CA SER F 78 -26.28 -23.49 -5.14
C SER F 78 -24.84 -23.03 -5.15
N SER F 79 -24.20 -23.02 -3.99
CA SER F 79 -22.89 -22.39 -3.85
C SER F 79 -21.77 -23.28 -3.35
N GLU F 80 -22.12 -24.42 -2.76
CA GLU F 80 -21.12 -25.32 -2.24
C GLU F 80 -19.85 -24.57 -2.43
N LEU F 81 -19.41 -23.86 -1.42
CA LEU F 81 -18.12 -23.13 -1.55
C LEU F 81 -17.05 -23.24 -0.44
N GLU F 82 -17.33 -22.72 0.73
CA GLU F 82 -16.44 -22.91 1.87
C GLU F 82 -15.20 -22.05 2.00
N HIS F 83 -14.92 -21.25 1.00
CA HIS F 83 -13.67 -20.46 0.99
C HIS F 83 -13.88 -19.31 1.97
N ASP F 84 -12.82 -18.96 2.71
CA ASP F 84 -12.84 -17.76 3.55
C ASP F 84 -12.67 -16.53 2.66
N TYR F 85 -13.67 -15.66 2.61
CA TYR F 85 -13.50 -14.44 1.82
C TYR F 85 -13.07 -13.28 2.72
N GLN F 86 -12.27 -12.37 2.18
CA GLN F 86 -11.76 -11.26 2.97
C GLN F 86 -12.87 -10.30 3.43
N GLY F 87 -12.94 -9.11 2.86
CA GLY F 87 -13.94 -8.15 3.30
C GLY F 87 -15.33 -8.53 2.81
N PHE F 88 -15.97 -7.59 2.14
CA PHE F 88 -17.06 -7.86 1.22
C PHE F 88 -16.67 -7.06 -0.01
N GLU F 89 -15.85 -7.65 -0.87
CA GLU F 89 -15.32 -6.93 -2.02
C GLU F 89 -16.35 -6.58 -3.11
N ILE F 90 -16.06 -5.50 -3.85
CA ILE F 90 -16.80 -5.16 -5.06
C ILE F 90 -16.02 -5.55 -6.32
N LEU F 91 -16.54 -6.46 -7.11
CA LEU F 91 -15.91 -6.83 -8.38
C LEU F 91 -16.78 -6.51 -9.64
N GLN G 4 18.35 -7.63 25.62
CA GLN G 4 18.61 -6.32 25.02
C GLN G 4 17.32 -5.59 24.55
N CYS G 5 16.17 -5.98 25.08
CA CYS G 5 14.94 -5.19 24.88
C CYS G 5 14.38 -4.68 26.22
N SER G 6 14.27 -3.38 26.41
CA SER G 6 13.71 -2.88 27.67
C SER G 6 12.25 -2.38 27.59
N LYS G 7 11.50 -2.55 28.68
CA LYS G 7 10.18 -1.93 28.76
C LYS G 7 10.31 -0.64 29.56
N PHE G 8 9.50 0.36 29.22
CA PHE G 8 9.41 1.55 30.05
C PHE G 8 7.98 1.96 30.25
N ILE G 9 7.66 2.40 31.46
CA ILE G 9 6.37 3.01 31.69
C ILE G 9 6.64 4.47 32.00
N VAL G 10 6.09 5.34 31.14
CA VAL G 10 6.24 6.78 31.32
C VAL G 10 4.88 7.32 31.78
N SER G 11 4.88 8.28 32.71
CA SER G 11 3.63 8.80 33.27
C SER G 11 3.64 10.31 33.47
N GLY G 12 2.45 10.91 33.44
CA GLY G 12 2.34 12.36 33.57
C GLY G 12 1.46 12.99 32.50
N HIS G 13 1.91 14.10 31.92
CA HIS G 13 1.22 14.63 30.75
C HIS G 13 1.99 14.23 29.50
N VAL G 14 1.61 13.10 28.92
CA VAL G 14 2.45 12.45 27.92
C VAL G 14 1.74 11.93 26.68
N GLN G 15 0.42 12.08 26.61
CA GLN G 15 -0.31 11.70 25.40
C GLN G 15 -0.88 12.90 24.62
N GLY G 16 -0.82 12.81 23.29
CA GLY G 16 -1.27 13.88 22.44
C GLY G 16 -0.40 15.11 22.56
N VAL G 17 0.87 14.86 22.83
CA VAL G 17 1.79 15.96 23.07
C VAL G 17 3.06 15.65 22.31
N GLY G 18 2.91 14.80 21.30
CA GLY G 18 4.00 14.44 20.42
C GLY G 18 4.92 13.38 20.98
N PHE G 19 4.74 13.05 22.26
CA PHE G 19 5.71 12.22 23.00
C PHE G 19 6.04 10.89 22.33
N CYS G 20 5.03 10.06 22.05
CA CYS G 20 5.24 8.81 21.31
C CYS G 20 6.10 9.07 20.09
N TYR G 21 5.62 9.92 19.19
CA TYR G 21 6.37 10.35 17.98
C TYR G 21 7.82 10.80 18.23
N HIS G 22 8.03 11.76 19.13
CA HIS G 22 9.39 12.20 19.43
C HIS G 22 10.20 11.01 19.96
N THR G 23 9.56 10.19 20.81
CA THR G 23 10.25 9.04 21.37
C THR G 23 10.74 8.09 20.27
N SER G 24 9.87 7.72 19.34
CA SER G 24 10.29 6.91 18.20
C SER G 24 11.45 7.58 17.47
N HIS G 25 11.33 8.87 17.22
CA HIS G 25 12.36 9.62 16.50
C HIS G 25 13.69 9.59 17.23
N GLN G 26 13.66 9.76 18.54
CA GLN G 26 14.88 9.68 19.34
C GLN G 26 15.45 8.27 19.31
N GLY G 27 14.57 7.28 19.37
CA GLY G 27 14.99 5.90 19.32
C GLY G 27 15.68 5.55 18.01
N LEU G 28 15.03 5.91 16.90
CA LEU G 28 15.52 5.56 15.57
C LEU G 28 16.87 6.21 15.26
N LYS G 29 17.15 7.32 15.93
CA LYS G 29 18.44 7.99 15.81
C LYS G 29 19.48 7.19 16.55
N LEU G 30 19.09 6.67 17.71
CA LEU G 30 19.99 5.86 18.54
C LEU G 30 20.26 4.50 17.89
N GLY G 31 19.42 4.11 16.94
CA GLY G 31 19.59 2.85 16.25
C GLY G 31 18.70 1.75 16.77
N LEU G 32 17.74 2.16 17.59
CA LEU G 32 16.85 1.25 18.31
C LEU G 32 15.61 0.85 17.51
N THR G 33 14.95 -0.24 17.92
CA THR G 33 13.70 -0.63 17.29
C THR G 33 12.67 -0.95 18.36
N GLY G 34 11.40 -0.69 18.11
CA GLY G 34 10.38 -0.99 19.11
C GLY G 34 9.06 -0.25 18.96
N TYR G 35 8.45 0.14 20.07
CA TYR G 35 7.24 0.91 19.98
C TYR G 35 7.04 1.80 21.16
N ALA G 36 6.12 2.74 21.01
CA ALA G 36 5.63 3.53 22.12
C ALA G 36 4.11 3.43 22.03
N LYS G 37 3.47 2.92 23.07
CA LYS G 37 2.03 2.68 23.02
C LYS G 37 1.27 3.52 24.03
N ASN G 38 0.09 3.97 23.64
CA ASN G 38 -0.71 4.78 24.53
C ASN G 38 -1.57 3.86 25.38
N LEU G 39 -1.46 4.04 26.70
CA LEU G 39 -2.17 3.18 27.65
C LEU G 39 -3.40 3.91 28.18
N ASN G 40 -4.39 3.15 28.64
CA ASN G 40 -5.66 3.70 29.11
C ASN G 40 -5.47 4.69 30.26
N ASN G 41 -4.77 4.24 31.29
CA ASN G 41 -4.48 5.04 32.47
C ASN G 41 -3.80 6.39 32.21
N GLY G 42 -3.40 6.63 30.97
CA GLY G 42 -2.69 7.86 30.65
C GLY G 42 -1.24 7.62 30.30
N ASP G 43 -0.67 6.55 30.84
CA ASP G 43 0.77 6.30 30.73
C ASP G 43 1.17 5.80 29.33
N VAL G 44 2.46 5.87 29.03
CA VAL G 44 2.97 5.42 27.74
C VAL G 44 3.99 4.27 27.88
N GLU G 45 3.64 3.14 27.28
CA GLU G 45 4.48 1.95 27.25
C GLU G 45 5.39 1.96 26.03
N VAL G 46 6.65 2.32 26.29
CA VAL G 46 7.71 2.36 25.31
C VAL G 46 8.60 1.14 25.45
N VAL G 47 8.70 0.34 24.40
CA VAL G 47 9.58 -0.82 24.41
C VAL G 47 10.68 -0.67 23.36
N ALA G 48 11.91 -0.34 23.79
CA ALA G 48 13.05 -0.24 22.87
C ALA G 48 13.80 -1.55 22.77
N CYS G 49 14.73 -1.65 21.83
CA CYS G 49 15.57 -2.84 21.68
C CYS G 49 16.88 -2.49 20.97
N GLY G 50 18.00 -2.95 21.52
CA GLY G 50 19.32 -2.69 20.93
C GLY G 50 20.49 -3.02 21.83
N THR G 51 21.56 -2.25 21.73
CA THR G 51 22.68 -2.39 22.65
C THR G 51 22.34 -1.65 23.94
N PRO G 52 22.68 -2.23 25.10
CA PRO G 52 22.28 -1.63 26.38
C PRO G 52 22.71 -0.17 26.60
N GLU G 53 23.78 0.29 25.96
CA GLU G 53 24.21 1.68 26.14
C GLU G 53 23.18 2.57 25.47
N ARG G 54 22.77 2.18 24.28
CA ARG G 54 21.73 2.88 23.56
C ARG G 54 20.43 2.84 24.35
N LEU G 55 20.07 1.65 24.84
CA LEU G 55 18.96 1.49 25.76
C LEU G 55 19.10 2.37 27.03
N GLU G 56 20.34 2.65 27.45
CA GLU G 56 20.58 3.56 28.56
C GLU G 56 20.37 4.98 28.10
N GLU G 57 20.92 5.28 26.93
CA GLU G 57 20.78 6.59 26.30
C GLU G 57 19.30 6.98 26.19
N LEU G 58 18.45 6.01 25.83
CA LEU G 58 17.04 6.28 25.67
C LEU G 58 16.35 6.44 27.02
N TYR G 59 16.81 5.69 28.02
CA TYR G 59 16.35 5.86 29.39
C TYR G 59 16.60 7.28 29.83
N LEU G 60 17.79 7.78 29.55
CA LEU G 60 18.14 9.14 29.94
C LEU G 60 17.33 10.19 29.19
N TRP G 61 17.11 9.97 27.90
CA TRP G 61 16.29 10.90 27.13
C TRP G 61 14.86 10.88 27.65
N LEU G 62 14.41 9.69 28.07
CA LEU G 62 13.06 9.52 28.60
C LEU G 62 12.86 10.33 29.87
N GLN G 63 13.97 10.60 30.55
CA GLN G 63 13.96 11.37 31.79
C GLN G 63 14.28 12.86 31.60
N GLU G 64 15.48 13.16 31.11
CA GLU G 64 15.94 14.54 31.08
C GLU G 64 15.67 15.25 29.76
N GLY G 65 15.54 14.48 28.69
CA GLY G 65 15.44 15.00 27.33
C GLY G 65 14.51 16.18 27.08
N PRO G 66 15.00 17.19 26.36
CA PRO G 66 14.13 18.29 25.96
C PRO G 66 12.96 17.75 25.14
N LYS G 67 11.75 17.95 25.65
CA LYS G 67 10.54 17.46 25.00
C LYS G 67 9.33 18.27 25.45
N THR G 68 8.25 18.16 24.66
CA THR G 68 7.02 18.89 24.93
C THR G 68 6.33 18.35 26.19
N ALA G 69 6.17 17.03 26.28
CA ALA G 69 5.51 16.40 27.42
C ALA G 69 6.05 16.74 28.81
N SER G 70 5.20 16.67 29.81
CA SER G 70 5.66 16.77 31.20
C SER G 70 5.73 15.38 31.82
N VAL G 71 6.95 14.85 31.91
CA VAL G 71 7.17 13.47 32.40
C VAL G 71 7.44 13.42 33.90
N ARG G 72 6.42 13.07 34.67
CA ARG G 72 6.62 12.87 36.09
C ARG G 72 7.50 11.64 36.41
N GLN G 73 7.10 10.44 36.01
CA GLN G 73 7.92 9.25 36.32
C GLN G 73 8.27 8.39 35.11
N VAL G 74 9.49 7.87 35.07
CA VAL G 74 9.87 6.83 34.14
C VAL G 74 10.38 5.63 34.91
N ARG G 75 9.64 4.52 34.82
CA ARG G 75 9.96 3.33 35.59
C ARG G 75 10.49 2.29 34.66
N ARG G 76 11.75 1.88 34.80
CA ARG G 76 12.14 0.79 33.94
C ARG G 76 11.41 -0.46 34.41
N LEU G 77 11.03 -1.30 33.48
CA LEU G 77 10.61 -2.65 33.83
C LEU G 77 11.41 -3.65 33.00
N SER G 78 11.30 -4.91 33.38
CA SER G 78 12.09 -5.98 32.79
C SER G 78 11.32 -6.61 31.66
N SER G 79 12.06 -7.07 30.66
CA SER G 79 11.45 -7.69 29.52
C SER G 79 12.31 -8.88 29.14
N GLU G 80 11.68 -9.97 28.73
CA GLU G 80 12.41 -11.07 28.15
C GLU G 80 11.94 -11.23 26.71
N LEU G 81 11.60 -10.08 26.10
CA LEU G 81 11.26 -10.01 24.68
C LEU G 81 12.50 -10.17 23.86
N GLU G 82 12.49 -11.14 22.97
CA GLU G 82 13.64 -11.47 22.15
C GLU G 82 13.16 -11.48 20.74
N HIS G 83 12.87 -10.30 20.21
CA HIS G 83 12.14 -10.21 18.95
C HIS G 83 12.51 -8.96 18.14
N ASP G 84 12.72 -9.16 16.84
CA ASP G 84 12.96 -8.04 15.94
C ASP G 84 11.66 -7.28 15.68
N TYR G 85 11.59 -6.05 16.21
CA TYR G 85 10.47 -5.15 15.96
C TYR G 85 10.88 -4.32 14.78
N GLN G 86 9.93 -4.12 13.85
CA GLN G 86 10.21 -3.53 12.55
C GLN G 86 10.81 -2.12 12.63
N GLY G 87 10.01 -1.15 13.05
CA GLY G 87 10.48 0.22 13.07
C GLY G 87 10.55 0.75 14.48
N PHE G 88 9.93 1.91 14.68
CA PHE G 88 9.60 2.36 16.03
C PHE G 88 8.16 2.83 16.13
N GLU G 89 7.23 1.89 15.95
CA GLU G 89 5.80 2.19 15.79
C GLU G 89 5.17 3.06 16.87
N ILE G 90 4.10 3.74 16.51
CA ILE G 90 3.23 4.36 17.50
C ILE G 90 1.96 3.52 17.61
N LEU G 91 1.53 3.24 18.82
CA LEU G 91 0.37 2.37 19.06
C LEU G 91 -0.63 3.01 20.02
N GLN H 4 -8.17 23.39 18.45
CA GLN H 4 -8.51 24.32 17.38
C GLN H 4 -7.41 24.38 16.31
N CYS H 5 -7.70 25.02 15.18
CA CYS H 5 -6.72 25.13 14.09
C CYS H 5 -6.37 26.57 13.69
N SER H 6 -5.12 26.79 13.28
CA SER H 6 -4.64 28.10 12.81
C SER H 6 -4.00 27.97 11.41
N LYS H 7 -4.04 29.05 10.62
CA LYS H 7 -3.41 29.04 9.29
C LYS H 7 -2.26 30.02 9.21
N PHE H 8 -1.17 29.60 8.57
CA PHE H 8 0.04 30.41 8.53
C PHE H 8 0.54 30.60 7.11
N ILE H 9 0.86 31.84 6.74
CA ILE H 9 1.32 32.06 5.38
C ILE H 9 2.78 32.48 5.33
N VAL H 10 3.66 31.49 5.45
CA VAL H 10 5.10 31.72 5.46
C VAL H 10 5.63 32.15 4.11
N SER H 11 6.41 33.23 4.09
CA SER H 11 6.95 33.78 2.86
C SER H 11 8.46 34.04 2.94
N GLY H 12 9.14 33.95 1.81
CA GLY H 12 10.58 34.07 1.77
C GLY H 12 11.15 32.96 0.91
N HIS H 13 12.39 32.53 1.20
CA HIS H 13 13.02 31.44 0.45
C HIS H 13 12.71 30.12 1.15
N VAL H 14 11.49 29.62 0.92
CA VAL H 14 10.91 28.62 1.81
C VAL H 14 10.41 27.37 1.10
N GLN H 15 10.73 27.26 -0.18
CA GLN H 15 10.31 26.10 -0.95
C GLN H 15 11.53 25.31 -1.42
N GLY H 16 11.47 24.00 -1.25
CA GLY H 16 12.47 23.12 -1.82
C GLY H 16 13.74 23.17 -1.00
N VAL H 17 13.60 23.73 0.19
CA VAL H 17 14.73 23.94 1.07
C VAL H 17 14.51 23.21 2.40
N GLY H 18 13.78 22.10 2.34
CA GLY H 18 13.53 21.29 3.52
C GLY H 18 12.43 21.83 4.40
N PHE H 19 12.04 23.09 4.20
CA PHE H 19 11.13 23.77 5.13
C PHE H 19 9.83 23.01 5.41
N CYS H 20 9.28 22.34 4.41
CA CYS H 20 8.03 21.62 4.61
C CYS H 20 8.22 20.36 5.43
N TYR H 21 9.14 19.50 5.00
CA TYR H 21 9.56 18.37 5.84
C TYR H 21 9.89 18.80 7.28
N HIS H 22 10.67 19.87 7.42
CA HIS H 22 11.10 20.33 8.72
C HIS H 22 9.91 20.73 9.60
N THR H 23 9.05 21.60 9.08
CA THR H 23 7.89 22.07 9.83
C THR H 23 6.99 20.91 10.23
N SER H 24 6.76 19.98 9.29
CA SER H 24 5.92 18.83 9.56
C SER H 24 6.52 17.98 10.66
N HIS H 25 7.85 17.89 10.65
CA HIS H 25 8.56 17.22 11.71
C HIS H 25 8.32 17.98 13.00
N GLN H 26 8.70 19.26 13.02
CA GLN H 26 8.65 20.08 14.22
C GLN H 26 7.24 20.14 14.83
N GLY H 27 6.23 20.01 13.98
CA GLY H 27 4.86 20.06 14.43
C GLY H 27 4.36 18.75 15.01
N LEU H 28 4.91 17.66 14.49
CA LEU H 28 4.58 16.34 15.02
C LEU H 28 5.16 16.11 16.41
N LYS H 29 6.23 16.86 16.72
CA LYS H 29 6.90 16.79 18.03
C LYS H 29 6.14 17.59 19.07
N LEU H 30 5.37 18.59 18.64
CA LEU H 30 4.50 19.31 19.58
C LEU H 30 3.13 18.64 19.68
N GLY H 31 3.01 17.45 19.07
CA GLY H 31 1.76 16.74 19.05
C GLY H 31 0.69 17.50 18.29
N LEU H 32 1.07 18.03 17.13
CA LEU H 32 0.11 18.73 16.28
C LEU H 32 -0.22 17.92 15.03
N THR H 33 -1.34 18.30 14.40
CA THR H 33 -1.74 17.74 13.14
C THR H 33 -1.90 18.88 12.13
N GLY H 34 -2.20 18.56 10.87
CA GLY H 34 -2.31 19.58 9.83
C GLY H 34 -1.39 19.34 8.66
N TYR H 35 -1.07 20.40 7.91
CA TYR H 35 -0.27 20.23 6.69
C TYR H 35 0.70 21.38 6.44
N ALA H 36 1.47 21.27 5.36
CA ALA H 36 2.30 22.37 4.92
C ALA H 36 2.30 22.28 3.41
N LYS H 37 1.59 23.20 2.75
CA LYS H 37 1.32 23.13 1.31
C LYS H 37 2.08 24.18 0.50
N ASN H 38 2.73 23.74 -0.57
CA ASN H 38 3.49 24.65 -1.45
C ASN H 38 2.59 25.44 -2.40
N LEU H 39 2.75 26.77 -2.39
CA LEU H 39 1.86 27.69 -3.10
C LEU H 39 2.53 28.24 -4.35
N ASN H 40 1.75 28.47 -5.40
CA ASN H 40 2.33 28.94 -6.63
C ASN H 40 2.99 30.33 -6.59
N ASN H 41 2.93 31.04 -5.47
CA ASN H 41 3.62 32.32 -5.48
C ASN H 41 4.99 32.20 -4.85
N GLY H 42 5.24 31.04 -4.24
CA GLY H 42 6.52 30.77 -3.58
C GLY H 42 6.37 30.60 -2.08
N ASP H 43 5.25 31.07 -1.54
CA ASP H 43 4.95 30.92 -0.12
C ASP H 43 4.64 29.48 0.23
N VAL H 44 4.65 29.22 1.53
CA VAL H 44 4.19 27.96 2.10
C VAL H 44 3.01 28.21 3.05
N GLU H 45 1.89 27.56 2.77
CA GLU H 45 0.73 27.57 3.68
C GLU H 45 0.89 26.46 4.74
N VAL H 46 0.95 26.83 6.00
CA VAL H 46 0.98 25.86 7.07
C VAL H 46 -0.31 25.92 7.84
N VAL H 47 -1.12 24.87 7.78
CA VAL H 47 -2.25 24.74 8.70
C VAL H 47 -1.84 23.75 9.74
N ALA H 48 -1.95 24.13 11.01
CA ALA H 48 -1.71 23.18 12.10
C ALA H 48 -2.80 23.27 13.17
N CYS H 49 -3.22 22.10 13.66
CA CYS H 49 -4.31 22.00 14.63
C CYS H 49 -3.86 21.41 15.98
N GLY H 50 -4.14 22.14 17.06
CA GLY H 50 -3.76 21.68 18.38
C GLY H 50 -4.26 22.56 19.52
N THR H 51 -3.63 22.42 20.68
CA THR H 51 -3.92 23.33 21.78
C THR H 51 -3.23 24.64 21.44
N PRO H 52 -3.84 25.77 21.84
CA PRO H 52 -3.33 27.04 21.33
C PRO H 52 -1.88 27.26 21.73
N GLU H 53 -1.48 26.73 22.89
CA GLU H 53 -0.15 26.97 23.43
C GLU H 53 0.92 26.29 22.59
N ARG H 54 0.57 25.13 22.05
CA ARG H 54 1.43 24.42 21.12
C ARG H 54 1.47 25.18 19.80
N LEU H 55 0.31 25.72 19.42
CA LEU H 55 0.24 26.55 18.23
C LEU H 55 1.12 27.80 18.35
N GLU H 56 1.17 28.39 19.55
CA GLU H 56 2.08 29.51 19.78
C GLU H 56 3.53 29.07 19.62
N GLU H 57 3.83 27.87 20.12
CA GLU H 57 5.18 27.32 20.03
C GLU H 57 5.60 27.17 18.58
N LEU H 58 4.67 26.63 17.77
CA LEU H 58 4.90 26.47 16.34
C LEU H 58 4.98 27.81 15.64
N TYR H 59 4.11 28.75 16.01
CA TYR H 59 4.15 30.10 15.44
C TYR H 59 5.48 30.75 15.73
N LEU H 60 5.97 30.60 16.96
CA LEU H 60 7.30 31.08 17.26
C LEU H 60 8.32 30.34 16.39
N TRP H 61 8.21 29.02 16.32
CA TRP H 61 9.17 28.22 15.57
C TRP H 61 9.36 28.71 14.14
N LEU H 62 8.25 28.93 13.43
CA LEU H 62 8.26 29.46 12.06
C LEU H 62 9.15 30.71 11.91
N GLN H 63 9.00 31.64 12.85
CA GLN H 63 9.77 32.85 12.81
C GLN H 63 11.25 32.58 13.07
N GLU H 64 11.64 32.58 14.35
CA GLU H 64 13.04 32.60 14.75
C GLU H 64 13.74 31.24 14.84
N GLY H 65 12.98 30.15 14.70
CA GLY H 65 13.56 28.81 14.80
C GLY H 65 14.77 28.59 13.91
N PRO H 66 15.69 27.71 14.33
CA PRO H 66 16.76 27.28 13.43
C PRO H 66 16.22 26.29 12.38
N LYS H 67 16.63 26.48 11.14
CA LYS H 67 16.09 25.77 9.99
C LYS H 67 16.79 26.33 8.76
N THR H 68 16.84 25.52 7.70
CA THR H 68 17.60 25.88 6.51
C THR H 68 17.04 27.13 5.87
N ALA H 69 15.72 27.17 5.73
CA ALA H 69 15.04 28.24 5.00
C ALA H 69 15.30 29.64 5.55
N SER H 70 15.38 30.62 4.65
CA SER H 70 15.35 32.03 5.04
C SER H 70 13.90 32.54 5.03
N VAL H 71 13.28 32.55 6.20
CA VAL H 71 11.93 33.06 6.35
C VAL H 71 11.96 34.58 6.47
N ARG H 72 11.09 35.25 5.73
CA ARG H 72 11.02 36.69 5.81
C ARG H 72 9.77 37.15 6.57
N GLN H 73 8.67 36.44 6.43
CA GLN H 73 7.42 36.85 7.10
C GLN H 73 6.36 35.75 7.34
N VAL H 74 5.71 35.82 8.49
CA VAL H 74 4.67 34.86 8.84
C VAL H 74 3.39 35.54 9.29
N ARG H 75 2.38 35.50 8.44
CA ARG H 75 1.12 36.19 8.68
C ARG H 75 0.04 35.25 9.17
N ARG H 76 -0.16 35.18 10.48
CA ARG H 76 -1.15 34.27 11.02
C ARG H 76 -2.53 34.67 10.53
N LEU H 77 -3.23 33.72 9.90
CA LEU H 77 -4.63 33.92 9.46
C LEU H 77 -5.67 33.30 10.40
N SER H 78 -6.94 33.50 10.06
CA SER H 78 -8.02 33.17 10.98
C SER H 78 -8.29 31.67 11.06
N SER H 79 -8.79 31.09 9.97
CA SER H 79 -9.17 29.68 9.90
C SER H 79 -10.14 29.19 11.00
N GLU H 80 -11.33 28.77 10.56
CA GLU H 80 -12.32 28.25 11.47
C GLU H 80 -12.61 26.80 11.11
N LEU H 81 -11.55 26.06 10.79
CA LEU H 81 -11.74 24.66 10.40
C LEU H 81 -11.53 23.69 11.57
N GLU H 82 -12.50 22.80 11.78
CA GLU H 82 -12.43 21.83 12.88
C GLU H 82 -12.40 20.39 12.35
N HIS H 83 -11.48 20.10 11.43
CA HIS H 83 -11.39 18.78 10.83
C HIS H 83 -10.14 18.05 11.32
N ASP H 84 -10.31 16.78 11.67
CA ASP H 84 -9.20 15.98 12.16
C ASP H 84 -8.24 15.72 11.02
N TYR H 85 -7.08 16.35 11.07
CA TYR H 85 -6.06 16.06 10.07
C TYR H 85 -5.18 14.92 10.54
N GLN H 86 -5.04 13.91 9.70
CA GLN H 86 -4.19 12.78 10.04
C GLN H 86 -2.71 13.10 9.78
N GLY H 87 -2.00 13.33 10.88
CA GLY H 87 -0.58 13.58 10.86
C GLY H 87 -0.25 14.99 10.45
N PHE H 88 0.84 15.13 9.70
CA PHE H 88 1.28 16.42 9.21
C PHE H 88 1.83 16.21 7.81
N GLU H 89 0.96 16.30 6.82
CA GLU H 89 1.29 15.92 5.44
C GLU H 89 2.18 16.96 4.73
N ILE H 90 2.70 16.61 3.57
CA ILE H 90 3.32 17.64 2.72
C ILE H 90 2.51 17.84 1.43
N LEU H 91 2.23 19.10 1.13
CA LEU H 91 1.20 19.51 0.18
C LEU H 91 -0.15 19.01 0.67
N GLN I 4 22.26 19.07 -8.55
CA GLN I 4 23.47 18.24 -8.65
C GLN I 4 23.69 17.27 -7.48
N CYS I 5 24.20 16.05 -7.75
CA CYS I 5 24.40 15.01 -6.71
C CYS I 5 25.86 14.62 -6.40
N SER I 6 26.13 14.25 -5.14
CA SER I 6 27.46 13.84 -4.67
C SER I 6 27.47 12.44 -4.05
N LYS I 7 28.62 11.77 -4.04
CA LYS I 7 28.72 10.44 -3.37
C LYS I 7 29.60 10.43 -2.10
N PHE I 8 29.05 9.91 -1.01
CA PHE I 8 29.76 9.89 0.26
C PHE I 8 29.96 8.51 0.87
N ILE I 9 31.21 8.09 0.97
CA ILE I 9 31.54 6.84 1.65
C ILE I 9 31.95 7.14 3.08
N VAL I 10 31.10 6.79 4.03
CA VAL I 10 31.41 7.00 5.44
C VAL I 10 31.87 5.68 6.02
N SER I 11 32.89 5.72 6.88
CA SER I 11 33.40 4.52 7.55
C SER I 11 33.64 4.71 9.06
N GLY I 12 33.60 3.62 9.80
CA GLY I 12 33.70 3.69 11.25
C GLY I 12 32.72 2.75 11.92
N HIS I 13 32.11 3.22 13.00
CA HIS I 13 31.00 2.50 13.58
C HIS I 13 29.69 3.14 13.11
N VAL I 14 29.27 2.77 11.90
CA VAL I 14 28.19 3.50 11.22
C VAL I 14 26.90 2.68 10.98
N GLN I 15 27.05 1.36 10.89
CA GLN I 15 25.89 0.50 10.76
C GLN I 15 25.32 0.14 12.16
N GLY I 16 24.03 -0.10 12.23
CA GLY I 16 23.38 -0.50 13.47
C GLY I 16 23.15 0.63 14.45
N VAL I 17 23.74 1.78 14.16
CA VAL I 17 23.70 2.86 15.13
C VAL I 17 22.81 4.03 14.70
N GLY I 18 21.76 3.74 13.92
CA GLY I 18 20.79 4.76 13.53
C GLY I 18 21.32 5.82 12.58
N PHE I 19 22.57 5.67 12.16
CA PHE I 19 23.27 6.60 11.28
C PHE I 19 22.51 6.85 9.99
N CYS I 20 21.92 5.80 9.46
CA CYS I 20 21.27 5.91 8.17
C CYS I 20 20.02 6.78 8.27
N TYR I 21 19.16 6.46 9.23
CA TYR I 21 17.96 7.25 9.53
C TYR I 21 18.34 8.69 9.83
N HIS I 22 19.26 8.88 10.77
CA HIS I 22 19.67 10.23 11.16
C HIS I 22 20.21 11.03 9.97
N THR I 23 21.05 10.41 9.14
CA THR I 23 21.49 11.04 7.89
C THR I 23 20.28 11.41 7.04
N SER I 24 19.40 10.44 6.78
CA SER I 24 18.26 10.70 5.92
C SER I 24 17.38 11.77 6.55
N HIS I 25 17.46 11.90 7.87
CA HIS I 25 16.71 12.96 8.52
C HIS I 25 17.35 14.29 8.21
N GLN I 26 18.64 14.44 8.53
CA GLN I 26 19.35 15.69 8.25
C GLN I 26 19.17 16.12 6.80
N GLY I 27 19.24 15.15 5.88
CA GLY I 27 19.09 15.45 4.48
C GLY I 27 17.78 16.14 4.18
N LEU I 28 16.70 15.48 4.58
CA LEU I 28 15.35 15.99 4.41
C LEU I 28 15.13 17.32 5.12
N LYS I 29 16.01 17.67 6.05
CA LYS I 29 15.89 18.95 6.74
C LYS I 29 16.55 20.10 5.97
N LEU I 30 17.55 19.74 5.14
CA LEU I 30 18.28 20.73 4.34
C LEU I 30 17.70 20.76 2.91
N GLY I 31 16.61 20.00 2.71
CA GLY I 31 15.90 19.95 1.45
C GLY I 31 16.44 19.02 0.39
N LEU I 32 17.35 18.13 0.78
CA LEU I 32 18.00 17.25 -0.19
C LEU I 32 17.20 16.00 -0.50
N THR I 33 17.62 15.30 -1.55
CA THR I 33 17.02 14.04 -1.95
C THR I 33 18.19 13.09 -2.09
N GLY I 34 17.98 11.81 -1.74
CA GLY I 34 19.05 10.82 -1.83
C GLY I 34 18.79 9.48 -1.15
N TYR I 35 19.86 8.72 -0.92
CA TYR I 35 19.79 7.47 -0.15
C TYR I 35 21.02 7.23 0.74
N ALA I 36 20.83 6.44 1.79
CA ALA I 36 21.95 5.93 2.58
C ALA I 36 21.96 4.42 2.44
N LYS I 37 22.90 3.87 1.66
CA LYS I 37 22.97 2.41 1.49
C LYS I 37 23.99 1.71 2.38
N ASN I 38 23.53 0.70 3.13
CA ASN I 38 24.42 -0.08 3.97
C ASN I 38 25.21 -1.08 3.13
N LEU I 39 26.53 -0.91 3.15
CA LEU I 39 27.48 -1.66 2.35
C LEU I 39 27.92 -2.91 3.08
N ASN I 40 28.51 -3.86 2.35
CA ASN I 40 28.99 -5.08 3.00
C ASN I 40 30.25 -4.86 3.85
N ASN I 41 31.15 -4.00 3.37
CA ASN I 41 32.39 -3.83 4.10
C ASN I 41 32.16 -3.26 5.49
N GLY I 42 30.99 -2.70 5.72
CA GLY I 42 30.71 -2.02 6.97
C GLY I 42 30.61 -0.50 6.87
N ASP I 43 30.96 0.04 5.71
CA ASP I 43 30.75 1.45 5.38
C ASP I 43 29.30 1.73 5.01
N VAL I 44 28.92 3.00 5.05
CA VAL I 44 27.60 3.42 4.59
C VAL I 44 27.71 4.43 3.46
N GLU I 45 27.26 4.04 2.26
CA GLU I 45 27.28 4.92 1.08
C GLU I 45 26.09 5.87 1.05
N VAL I 46 26.37 7.17 1.14
CA VAL I 46 25.35 8.19 1.13
C VAL I 46 25.42 8.99 -0.15
N VAL I 47 24.36 8.93 -0.95
CA VAL I 47 24.26 9.80 -2.13
C VAL I 47 23.27 10.92 -1.85
N ALA I 48 23.67 12.17 -2.10
CA ALA I 48 22.74 13.27 -1.88
C ALA I 48 22.74 14.38 -2.95
N CYS I 49 21.53 14.86 -3.28
CA CYS I 49 21.34 15.83 -4.37
C CYS I 49 20.69 17.15 -3.96
N GLY I 50 21.16 18.23 -4.56
CA GLY I 50 20.64 19.54 -4.29
C GLY I 50 21.60 20.67 -4.67
N THR I 51 21.27 21.86 -4.19
CA THR I 51 22.18 22.99 -4.29
C THR I 51 23.47 22.68 -3.52
N PRO I 52 24.62 22.85 -4.19
CA PRO I 52 25.97 22.61 -3.66
C PRO I 52 26.24 23.14 -2.24
N GLU I 53 25.66 24.29 -1.88
CA GLU I 53 25.86 24.82 -0.53
C GLU I 53 25.26 23.85 0.49
N ARG I 54 24.08 23.33 0.18
CA ARG I 54 23.41 22.39 1.05
C ARG I 54 24.18 21.08 1.16
N LEU I 55 24.90 20.77 0.08
CA LEU I 55 25.72 19.58 0.08
C LEU I 55 27.00 19.75 0.90
N GLU I 56 27.42 20.99 1.10
CA GLU I 56 28.54 21.22 2.01
C GLU I 56 28.08 21.10 3.46
N GLU I 57 26.85 21.51 3.73
CA GLU I 57 26.27 21.35 5.05
C GLU I 57 26.21 19.89 5.42
N LEU I 58 25.88 19.04 4.46
CA LEU I 58 25.72 17.60 4.75
C LEU I 58 27.10 16.95 4.86
N TYR I 59 28.00 17.33 3.94
CA TYR I 59 29.36 16.82 3.94
C TYR I 59 30.05 17.21 5.24
N LEU I 60 29.61 18.30 5.83
CA LEU I 60 30.16 18.74 7.09
C LEU I 60 29.48 18.01 8.22
N TRP I 61 28.16 17.85 8.13
CA TRP I 61 27.41 17.19 9.18
C TRP I 61 27.83 15.74 9.22
N LEU I 62 28.19 15.20 8.06
CA LEU I 62 28.73 13.85 7.98
C LEU I 62 30.03 13.75 8.79
N GLN I 63 30.81 14.82 8.80
CA GLN I 63 32.00 14.84 9.62
C GLN I 63 31.64 15.10 11.09
N GLU I 64 31.45 16.37 11.44
CA GLU I 64 31.40 16.78 12.85
C GLU I 64 29.99 16.88 13.47
N GLY I 65 28.95 16.57 12.69
CA GLY I 65 27.60 16.69 13.21
C GLY I 65 27.35 15.74 14.36
N PRO I 66 26.75 16.24 15.46
CA PRO I 66 26.45 15.36 16.59
C PRO I 66 25.68 14.16 16.09
N LYS I 67 26.18 12.97 16.40
CA LYS I 67 25.47 11.75 16.06
C LYS I 67 25.90 10.57 16.92
N THR I 68 25.04 9.55 16.94
CA THR I 68 25.31 8.32 17.66
C THR I 68 26.46 7.51 17.05
N ALA I 69 26.51 7.44 15.73
CA ALA I 69 27.59 6.70 15.08
C ALA I 69 28.94 7.30 15.42
N SER I 70 29.98 6.48 15.38
CA SER I 70 31.35 6.98 15.52
C SER I 70 31.95 7.09 14.13
N VAL I 71 31.86 8.26 13.53
CA VAL I 71 32.44 8.45 12.21
C VAL I 71 33.98 8.59 12.24
N ARG I 72 34.67 7.67 11.57
CA ARG I 72 36.12 7.77 11.43
C ARG I 72 36.59 8.54 10.18
N GLN I 73 36.00 8.25 9.02
CA GLN I 73 36.32 8.99 7.81
C GLN I 73 35.11 9.20 6.88
N VAL I 74 35.06 10.37 6.24
CA VAL I 74 34.08 10.65 5.18
C VAL I 74 34.73 10.88 3.82
N ARG I 75 34.38 10.05 2.84
CA ARG I 75 35.06 10.09 1.54
C ARG I 75 34.20 10.61 0.35
N ARG I 76 34.44 11.87 -0.02
CA ARG I 76 33.72 12.55 -1.10
C ARG I 76 34.10 11.97 -2.45
N LEU I 77 33.20 11.20 -3.05
CA LEU I 77 33.44 10.68 -4.39
C LEU I 77 32.73 11.46 -5.49
N SER I 78 33.26 11.34 -6.69
CA SER I 78 32.76 12.09 -7.83
C SER I 78 31.59 11.33 -8.41
N SER I 79 30.43 11.98 -8.43
CA SER I 79 29.25 11.41 -9.05
C SER I 79 28.75 12.25 -10.20
N GLU I 80 28.48 11.60 -11.34
CA GLU I 80 27.93 12.26 -12.51
C GLU I 80 26.53 11.77 -12.70
N LEU I 81 25.82 11.51 -11.61
CA LEU I 81 24.41 11.13 -11.74
C LEU I 81 23.47 12.32 -11.59
N GLU I 82 22.29 12.18 -12.18
CA GLU I 82 21.36 13.30 -12.34
C GLU I 82 19.92 12.84 -12.21
N HIS I 83 19.76 11.67 -11.63
CA HIS I 83 18.46 11.05 -11.47
C HIS I 83 17.69 11.76 -10.37
N ASP I 84 16.39 11.91 -10.57
CA ASP I 84 15.53 12.49 -9.55
C ASP I 84 15.22 11.46 -8.47
N TYR I 85 15.88 11.55 -7.33
CA TYR I 85 15.64 10.54 -6.30
C TYR I 85 14.40 10.85 -5.49
N GLN I 86 13.73 9.78 -5.07
CA GLN I 86 12.47 9.83 -4.33
C GLN I 86 12.53 10.72 -3.08
N GLY I 87 12.55 10.12 -1.89
CA GLY I 87 12.71 10.90 -0.68
C GLY I 87 14.16 10.95 -0.26
N PHE I 88 14.45 10.36 0.90
CA PHE I 88 15.81 9.94 1.27
C PHE I 88 15.70 8.52 1.77
N GLU I 89 15.88 7.57 0.87
CA GLU I 89 15.72 6.15 1.21
C GLU I 89 16.89 5.57 2.00
N ILE I 90 16.59 4.69 2.94
CA ILE I 90 17.60 3.85 3.59
C ILE I 90 17.72 2.48 2.91
N LEU I 91 18.88 2.15 2.38
CA LEU I 91 19.05 0.89 1.66
C LEU I 91 20.04 -0.06 2.34
N GLN J 4 26.61 -10.07 12.75
CA GLN J 4 26.13 -11.44 12.70
C GLN J 4 25.40 -11.70 11.39
N CYS J 5 25.92 -11.07 10.35
CA CYS J 5 25.33 -11.12 9.02
C CYS J 5 26.31 -11.79 8.05
N SER J 6 26.05 -13.03 7.68
CA SER J 6 26.89 -13.73 6.71
C SER J 6 26.40 -13.59 5.26
N LYS J 7 27.33 -13.50 4.33
CA LYS J 7 27.01 -13.45 2.91
C LYS J 7 27.36 -14.81 2.30
N PHE J 8 26.57 -15.27 1.35
CA PHE J 8 26.82 -16.56 0.70
C PHE J 8 26.66 -16.46 -0.82
N ILE J 9 27.72 -16.73 -1.58
CA ILE J 9 27.55 -16.83 -3.02
C ILE J 9 27.20 -18.26 -3.44
N VAL J 10 25.92 -18.50 -3.74
CA VAL J 10 25.47 -19.80 -4.20
C VAL J 10 25.52 -19.83 -5.72
N SER J 11 25.91 -20.95 -6.31
CA SER J 11 26.05 -21.03 -7.76
C SER J 11 25.51 -22.33 -8.34
N GLY J 12 25.35 -22.36 -9.67
CA GLY J 12 24.77 -23.50 -10.36
C GLY J 12 23.49 -23.11 -11.07
N HIS J 13 22.55 -24.04 -11.17
CA HIS J 13 21.26 -23.76 -11.75
C HIS J 13 20.37 -23.25 -10.64
N VAL J 14 20.50 -21.96 -10.31
CA VAL J 14 19.83 -21.43 -9.13
C VAL J 14 18.98 -20.19 -9.34
N GLN J 15 18.68 -19.86 -10.60
CA GLN J 15 17.76 -18.77 -10.90
C GLN J 15 16.52 -19.23 -11.68
N GLY J 16 15.36 -18.72 -11.28
CA GLY J 16 14.12 -19.08 -11.92
C GLY J 16 13.66 -20.47 -11.54
N VAL J 17 14.11 -20.92 -10.37
CA VAL J 17 13.80 -22.28 -9.95
C VAL J 17 13.24 -22.29 -8.55
N GLY J 18 12.79 -21.13 -8.08
CA GLY J 18 12.15 -21.09 -6.77
C GLY J 18 13.12 -20.96 -5.61
N PHE J 19 14.40 -20.96 -5.93
CA PHE J 19 15.44 -20.94 -4.93
C PHE J 19 15.39 -19.69 -4.04
N CYS J 20 15.16 -18.53 -4.66
CA CYS J 20 15.16 -17.26 -3.90
C CYS J 20 13.97 -17.18 -2.95
N TYR J 21 12.82 -17.62 -3.43
CA TYR J 21 11.64 -17.76 -2.60
C TYR J 21 11.89 -18.74 -1.49
N HIS J 22 12.35 -19.91 -1.89
CA HIS J 22 12.58 -21.01 -0.97
C HIS J 22 13.62 -20.64 0.08
N THR J 23 14.78 -20.20 -0.35
CA THR J 23 15.80 -19.73 0.57
C THR J 23 15.23 -18.71 1.55
N SER J 24 14.36 -17.82 1.06
CA SER J 24 13.78 -16.77 1.91
C SER J 24 12.85 -17.35 3.00
N HIS J 25 12.15 -18.42 2.64
CA HIS J 25 11.25 -19.10 3.54
C HIS J 25 12.05 -19.90 4.60
N GLN J 26 13.23 -20.38 4.23
CA GLN J 26 14.07 -21.13 5.17
C GLN J 26 14.75 -20.21 6.19
N GLY J 27 15.33 -19.12 5.70
CA GLY J 27 15.86 -18.09 6.59
C GLY J 27 14.79 -17.47 7.49
N LEU J 28 13.56 -17.37 7.00
CA LEU J 28 12.48 -16.85 7.82
C LEU J 28 12.10 -17.89 8.83
N LYS J 29 12.22 -19.15 8.46
CA LYS J 29 11.87 -20.22 9.39
C LYS J 29 12.90 -20.32 10.52
N LEU J 30 14.15 -19.92 10.24
CA LEU J 30 15.22 -19.95 11.25
C LEU J 30 15.34 -18.67 12.05
N GLY J 31 14.36 -17.77 11.93
CA GLY J 31 14.35 -16.55 12.71
C GLY J 31 15.22 -15.44 12.14
N LEU J 32 15.77 -15.70 10.95
CA LEU J 32 16.70 -14.76 10.30
C LEU J 32 16.00 -13.65 9.50
N THR J 33 16.76 -12.61 9.18
CA THR J 33 16.32 -11.58 8.24
C THR J 33 17.39 -11.54 7.20
N GLY J 34 17.07 -11.03 6.01
CA GLY J 34 18.03 -10.86 4.93
C GLY J 34 17.46 -10.74 3.52
N TYR J 35 18.21 -11.24 2.55
CA TYR J 35 17.76 -11.24 1.16
C TYR J 35 18.45 -12.31 0.32
N ALA J 36 17.83 -12.69 -0.78
CA ALA J 36 18.48 -13.55 -1.75
C ALA J 36 18.35 -12.84 -3.07
N LYS J 37 19.46 -12.31 -3.59
CA LYS J 37 19.44 -11.48 -4.79
C LYS J 37 20.02 -12.25 -5.96
N ASN J 38 19.45 -12.05 -7.15
CA ASN J 38 19.91 -12.73 -8.37
C ASN J 38 20.97 -11.89 -9.08
N LEU J 39 22.12 -12.52 -9.34
CA LEU J 39 23.27 -11.88 -9.95
C LEU J 39 23.39 -12.16 -11.45
N ASN J 40 24.04 -11.24 -12.17
CA ASN J 40 24.23 -11.37 -13.61
C ASN J 40 24.90 -12.67 -14.09
N ASN J 41 25.88 -13.16 -13.33
CA ASN J 41 26.64 -14.33 -13.75
C ASN J 41 25.83 -15.62 -13.76
N GLY J 42 24.71 -15.62 -13.03
CA GLY J 42 23.86 -16.78 -12.91
C GLY J 42 23.64 -17.13 -11.47
N ASP J 43 24.45 -16.51 -10.62
CA ASP J 43 24.55 -16.83 -9.19
C ASP J 43 23.53 -16.14 -8.29
N VAL J 44 23.18 -16.79 -7.18
CA VAL J 44 22.54 -16.08 -6.08
C VAL J 44 23.54 -15.69 -4.96
N GLU J 45 23.51 -14.41 -4.59
CA GLU J 45 24.10 -13.95 -3.34
C GLU J 45 22.99 -13.88 -2.30
N VAL J 46 23.07 -14.71 -1.28
CA VAL J 46 22.12 -14.66 -0.17
C VAL J 46 22.79 -13.96 0.99
N VAL J 47 22.11 -13.04 1.66
CA VAL J 47 22.71 -12.40 2.82
C VAL J 47 21.75 -12.57 3.97
N ALA J 48 22.16 -13.34 4.97
CA ALA J 48 21.31 -13.54 6.12
C ALA J 48 21.97 -12.96 7.34
N CYS J 49 21.16 -12.58 8.33
CA CYS J 49 21.68 -12.10 9.59
C CYS J 49 20.84 -12.70 10.69
N GLY J 50 21.50 -13.44 11.59
CA GLY J 50 20.87 -14.01 12.78
C GLY J 50 21.93 -14.38 13.78
N THR J 51 21.69 -15.44 14.55
CA THR J 51 22.71 -15.97 15.43
C THR J 51 23.58 -16.96 14.65
N PRO J 52 24.86 -17.06 15.00
CA PRO J 52 25.82 -17.91 14.28
C PRO J 52 25.36 -19.34 14.02
N GLU J 53 24.51 -19.86 14.90
CA GLU J 53 24.10 -21.25 14.79
C GLU J 53 22.95 -21.34 13.80
N ARG J 54 22.10 -20.31 13.82
CA ARG J 54 21.00 -20.17 12.88
C ARG J 54 21.54 -19.89 11.50
N LEU J 55 22.67 -19.19 11.47
CA LEU J 55 23.38 -18.97 10.21
C LEU J 55 24.06 -20.26 9.76
N GLU J 56 24.31 -21.17 10.71
CA GLU J 56 24.91 -22.46 10.37
C GLU J 56 23.90 -23.41 9.79
N GLU J 57 22.70 -23.42 10.38
CA GLU J 57 21.62 -24.26 9.86
C GLU J 57 21.32 -23.87 8.42
N LEU J 58 21.57 -22.60 8.09
CA LEU J 58 21.14 -22.09 6.81
C LEU J 58 22.20 -22.43 5.78
N TYR J 59 23.44 -22.14 6.14
CA TYR J 59 24.57 -22.50 5.30
C TYR J 59 24.47 -23.99 4.99
N LEU J 60 24.05 -24.77 5.96
CA LEU J 60 23.87 -26.19 5.71
C LEU J 60 22.75 -26.40 4.69
N TRP J 61 21.57 -25.83 4.95
CA TRP J 61 20.44 -25.98 4.02
C TRP J 61 20.78 -25.62 2.57
N LEU J 62 21.30 -24.41 2.34
CA LEU J 62 21.86 -24.01 1.04
C LEU J 62 22.65 -25.14 0.37
N GLN J 63 23.45 -25.84 1.16
CA GLN J 63 24.26 -26.94 0.66
C GLN J 63 23.45 -28.18 0.39
N GLU J 64 22.82 -28.71 1.44
CA GLU J 64 22.32 -30.08 1.44
C GLU J 64 20.83 -30.19 1.33
N GLY J 65 20.13 -29.18 1.84
CA GLY J 65 18.69 -29.21 1.98
C GLY J 65 17.96 -29.60 0.72
N PRO J 66 16.86 -30.33 0.87
CA PRO J 66 15.92 -30.56 -0.25
C PRO J 66 15.54 -29.23 -0.90
N LYS J 67 15.78 -29.08 -2.20
CA LYS J 67 15.35 -27.87 -2.93
C LYS J 67 15.17 -28.07 -4.45
N THR J 68 14.37 -27.24 -5.11
CA THR J 68 14.18 -27.40 -6.57
C THR J 68 15.50 -27.29 -7.33
N ALA J 69 16.35 -26.35 -6.91
CA ALA J 69 17.54 -26.00 -7.68
C ALA J 69 18.65 -27.05 -7.66
N SER J 70 19.58 -26.94 -8.59
CA SER J 70 20.78 -27.76 -8.61
C SER J 70 21.98 -26.95 -8.16
N VAL J 71 22.19 -26.89 -6.85
CA VAL J 71 23.35 -26.23 -6.29
C VAL J 71 24.60 -26.97 -6.75
N ARG J 72 25.59 -26.23 -7.22
CA ARG J 72 26.90 -26.79 -7.38
C ARG J 72 27.67 -26.45 -6.11
N GLN J 73 28.00 -25.17 -5.96
CA GLN J 73 28.87 -24.77 -4.86
C GLN J 73 28.32 -23.60 -4.02
N VAL J 74 28.39 -23.73 -2.70
CA VAL J 74 28.09 -22.62 -1.80
C VAL J 74 29.36 -22.12 -1.12
N ARG J 75 29.83 -20.94 -1.51
CA ARG J 75 30.95 -20.33 -0.81
C ARG J 75 30.43 -19.39 0.28
N ARG J 76 31.16 -19.31 1.38
CA ARG J 76 30.86 -18.28 2.37
C ARG J 76 31.84 -17.13 2.21
N LEU J 77 31.31 -15.96 1.91
CA LEU J 77 32.13 -14.75 1.88
C LEU J 77 32.01 -14.05 3.23
N SER J 78 33.00 -13.27 3.60
CA SER J 78 32.99 -12.63 4.90
C SER J 78 32.23 -11.33 4.82
N SER J 79 31.52 -11.00 5.88
CA SER J 79 30.83 -9.71 5.93
C SER J 79 31.03 -8.94 7.23
N GLU J 80 30.84 -7.62 7.13
CA GLU J 80 30.99 -6.71 8.26
C GLU J 80 29.68 -5.93 8.49
N LEU J 81 28.72 -6.14 7.59
CA LEU J 81 27.45 -5.41 7.69
C LEU J 81 26.70 -5.78 8.95
N GLU J 82 26.40 -4.77 9.76
CA GLU J 82 25.68 -4.94 11.00
C GLU J 82 24.41 -4.14 10.88
N HIS J 83 23.59 -4.47 9.89
CA HIS J 83 22.37 -3.71 9.62
C HIS J 83 21.14 -4.57 9.85
N ASP J 84 20.03 -3.93 10.20
CA ASP J 84 18.78 -4.65 10.45
C ASP J 84 17.99 -4.83 9.18
N TYR J 85 18.17 -5.95 8.50
CA TYR J 85 17.38 -6.21 7.32
C TYR J 85 15.93 -6.48 7.67
N GLN J 86 15.04 -6.05 6.78
CA GLN J 86 13.60 -6.01 7.05
C GLN J 86 12.98 -7.37 7.31
N GLY J 87 12.68 -8.12 6.25
CA GLY J 87 12.12 -9.46 6.39
C GLY J 87 13.08 -10.42 5.73
N PHE J 88 12.65 -11.11 4.69
CA PHE J 88 13.62 -11.79 3.85
C PHE J 88 13.27 -11.65 2.38
N GLU J 89 13.83 -10.62 1.75
CA GLU J 89 13.41 -10.21 0.41
C GLU J 89 13.99 -11.04 -0.71
N ILE J 90 13.84 -10.56 -1.94
CA ILE J 90 14.32 -11.23 -3.14
C ILE J 90 14.62 -10.16 -4.18
N LEU J 91 15.86 -10.06 -4.65
CA LEU J 91 16.21 -8.95 -5.52
C LEU J 91 16.84 -9.37 -6.88
N LYS K 3 9.03 -22.65 -21.35
CA LYS K 3 7.95 -21.91 -20.68
C LYS K 3 6.57 -22.27 -21.26
N GLN K 4 5.62 -22.57 -20.38
CA GLN K 4 4.31 -23.11 -20.76
C GLN K 4 3.38 -23.15 -19.53
N CYS K 5 2.09 -22.96 -19.74
CA CYS K 5 1.15 -22.96 -18.63
C CYS K 5 0.15 -24.09 -18.76
N SER K 6 -0.09 -24.80 -17.66
CA SER K 6 -1.15 -25.80 -17.59
C SER K 6 -2.31 -25.36 -16.69
N LYS K 7 -3.50 -25.94 -16.91
CA LYS K 7 -4.62 -25.74 -15.99
C LYS K 7 -4.98 -27.08 -15.35
N PHE K 8 -5.39 -27.08 -14.08
CA PHE K 8 -5.80 -28.29 -13.36
C PHE K 8 -7.09 -27.99 -12.61
N ILE K 9 -8.00 -28.97 -12.59
CA ILE K 9 -9.23 -28.81 -11.82
C ILE K 9 -9.32 -29.80 -10.66
N VAL K 10 -8.94 -29.33 -9.47
CA VAL K 10 -8.96 -30.21 -8.32
C VAL K 10 -10.31 -30.15 -7.62
N SER K 11 -10.83 -31.32 -7.28
CA SER K 11 -12.14 -31.49 -6.64
C SER K 11 -12.09 -32.39 -5.39
N GLY K 12 -13.08 -32.24 -4.52
CA GLY K 12 -13.09 -32.93 -3.24
C GLY K 12 -13.18 -31.91 -2.13
N HIS K 13 -12.81 -32.29 -0.91
CA HIS K 13 -12.73 -31.34 0.19
C HIS K 13 -11.44 -30.54 0.00
N VAL K 14 -11.57 -29.39 -0.67
CA VAL K 14 -10.40 -28.67 -1.17
C VAL K 14 -10.35 -27.17 -0.88
N GLN K 15 -11.46 -26.58 -0.48
CA GLN K 15 -11.45 -25.18 -0.11
C GLN K 15 -11.65 -25.08 1.38
N GLY K 16 -11.07 -24.06 2.01
CA GLY K 16 -11.19 -23.90 3.45
C GLY K 16 -10.26 -24.78 4.25
N VAL K 17 -9.52 -25.64 3.54
CA VAL K 17 -8.55 -26.51 4.19
C VAL K 17 -7.09 -26.20 3.77
N GLY K 18 -6.69 -24.94 3.95
CA GLY K 18 -5.38 -24.43 3.60
C GLY K 18 -4.88 -24.72 2.20
N PHE K 19 -5.74 -25.24 1.32
CA PHE K 19 -5.28 -25.76 0.04
C PHE K 19 -4.74 -24.75 -0.98
N CYS K 20 -5.44 -23.63 -1.17
CA CYS K 20 -5.02 -22.62 -2.17
C CYS K 20 -3.75 -21.90 -1.73
N TYR K 21 -3.48 -21.96 -0.42
CA TYR K 21 -2.22 -21.46 0.16
C TYR K 21 -1.13 -22.46 -0.06
N HIS K 22 -1.36 -23.69 0.36
CA HIS K 22 -0.33 -24.72 0.24
C HIS K 22 0.11 -24.83 -1.21
N THR K 23 -0.86 -24.89 -2.12
CA THR K 23 -0.64 -24.94 -3.55
C THR K 23 0.16 -23.76 -4.02
N SER K 24 -0.31 -22.57 -3.63
CA SER K 24 0.44 -21.36 -3.91
C SER K 24 1.92 -21.55 -3.52
N HIS K 25 2.14 -21.83 -2.23
CA HIS K 25 3.47 -21.96 -1.63
C HIS K 25 4.29 -23.00 -2.36
N GLN K 26 3.67 -24.14 -2.61
CA GLN K 26 4.36 -25.25 -3.24
C GLN K 26 4.82 -24.88 -4.66
N GLY K 27 3.99 -24.14 -5.39
CA GLY K 27 4.42 -23.62 -6.67
C GLY K 27 5.70 -22.78 -6.59
N LEU K 28 5.59 -21.63 -5.93
CA LEU K 28 6.70 -20.69 -5.70
C LEU K 28 7.98 -21.40 -5.38
N LYS K 29 7.88 -22.48 -4.60
CA LYS K 29 9.01 -23.34 -4.27
C LYS K 29 9.57 -24.07 -5.50
N LEU K 30 8.70 -24.44 -6.44
CA LEU K 30 9.12 -25.01 -7.72
C LEU K 30 9.38 -23.94 -8.81
N GLY K 31 9.38 -22.66 -8.42
CA GLY K 31 9.73 -21.59 -9.33
C GLY K 31 8.58 -21.20 -10.25
N LEU K 32 7.46 -21.88 -10.09
CA LEU K 32 6.25 -21.58 -10.83
C LEU K 32 5.61 -20.24 -10.48
N THR K 33 4.72 -19.82 -11.39
CA THR K 33 3.83 -18.67 -11.24
C THR K 33 2.43 -19.14 -11.65
N GLY K 34 1.40 -18.53 -11.08
CA GLY K 34 0.02 -18.86 -11.44
C GLY K 34 -1.03 -18.33 -10.49
N TYR K 35 -2.07 -19.12 -10.28
CA TYR K 35 -3.07 -18.83 -9.27
C TYR K 35 -3.90 -20.06 -8.97
N ALA K 36 -4.35 -20.17 -7.72
CA ALA K 36 -5.34 -21.16 -7.30
C ALA K 36 -6.66 -20.44 -6.99
N LYS K 37 -7.70 -20.73 -7.77
CA LYS K 37 -8.98 -20.03 -7.66
C LYS K 37 -10.14 -20.91 -7.21
N ASN K 38 -10.91 -20.40 -6.25
CA ASN K 38 -12.02 -21.13 -5.66
C ASN K 38 -13.27 -21.06 -6.51
N LEU K 39 -13.68 -22.20 -7.05
CA LEU K 39 -14.87 -22.28 -7.93
C LEU K 39 -16.13 -22.59 -7.14
N ASN K 40 -17.27 -22.22 -7.70
CA ASN K 40 -18.53 -22.35 -6.98
C ASN K 40 -18.96 -23.80 -6.75
N ASN K 41 -18.67 -24.71 -7.67
CA ASN K 41 -19.09 -26.10 -7.48
C ASN K 41 -18.50 -26.77 -6.24
N GLY K 42 -17.32 -26.33 -5.84
CA GLY K 42 -16.61 -26.93 -4.72
C GLY K 42 -15.19 -27.28 -5.13
N ASP K 43 -14.88 -27.05 -6.40
CA ASP K 43 -13.56 -27.36 -6.93
C ASP K 43 -12.53 -26.24 -6.72
N VAL K 44 -11.28 -26.55 -7.01
CA VAL K 44 -10.28 -25.51 -7.07
C VAL K 44 -9.62 -25.61 -8.41
N GLU K 45 -9.62 -24.49 -9.13
CA GLU K 45 -8.93 -24.38 -10.40
C GLU K 45 -7.57 -23.77 -10.16
N VAL K 46 -6.54 -24.55 -10.46
CA VAL K 46 -5.16 -24.12 -10.28
C VAL K 46 -4.57 -23.95 -11.65
N VAL K 47 -3.90 -22.83 -11.87
CA VAL K 47 -3.28 -22.60 -13.16
C VAL K 47 -1.89 -22.27 -12.77
N ALA K 48 -0.91 -22.97 -13.34
CA ALA K 48 0.48 -22.66 -13.08
C ALA K 48 1.23 -22.54 -14.39
N CYS K 49 2.28 -21.73 -14.41
CA CYS K 49 3.17 -21.66 -15.56
C CYS K 49 4.64 -21.73 -15.16
N GLY K 50 5.36 -22.63 -15.83
CA GLY K 50 6.80 -22.75 -15.69
C GLY K 50 7.25 -23.65 -16.82
N THR K 51 8.33 -24.39 -16.57
CA THR K 51 8.79 -25.39 -17.50
C THR K 51 7.94 -26.65 -17.33
N PRO K 52 7.86 -27.51 -18.35
CA PRO K 52 6.99 -28.69 -18.24
C PRO K 52 7.31 -29.71 -17.13
N GLU K 53 8.59 -29.91 -16.81
CA GLU K 53 8.98 -30.87 -15.77
C GLU K 53 8.73 -30.32 -14.37
N ARG K 54 8.57 -28.99 -14.31
CA ARG K 54 8.18 -28.31 -13.08
C ARG K 54 6.67 -28.29 -12.96
N LEU K 55 5.99 -28.55 -14.08
CA LEU K 55 4.54 -28.68 -14.05
C LEU K 55 4.17 -30.12 -13.70
N GLU K 56 5.06 -31.04 -14.08
CA GLU K 56 4.91 -32.44 -13.71
C GLU K 56 5.00 -32.60 -12.20
N GLU K 57 5.98 -31.92 -11.61
CA GLU K 57 6.23 -32.04 -10.20
C GLU K 57 5.04 -31.53 -9.42
N LEU K 58 4.44 -30.45 -9.94
CA LEU K 58 3.25 -29.88 -9.29
C LEU K 58 2.03 -30.76 -9.50
N TYR K 59 1.90 -31.27 -10.72
CA TYR K 59 0.83 -32.22 -11.04
C TYR K 59 0.95 -33.39 -10.08
N LEU K 60 2.19 -33.82 -9.83
CA LEU K 60 2.47 -34.92 -8.90
C LEU K 60 2.16 -34.55 -7.47
N TRP K 61 2.63 -33.39 -7.02
CA TRP K 61 2.20 -32.83 -5.74
C TRP K 61 0.67 -32.74 -5.62
N LEU K 62 0.03 -32.12 -6.60
CA LEU K 62 -1.42 -32.01 -6.59
C LEU K 62 -2.14 -33.34 -6.37
N GLN K 63 -1.58 -34.42 -6.87
CA GLN K 63 -2.19 -35.73 -6.65
C GLN K 63 -1.88 -36.29 -5.26
N GLU K 64 -0.63 -36.72 -5.08
CA GLU K 64 -0.30 -37.55 -3.92
C GLU K 64 0.29 -36.77 -2.77
N GLY K 65 0.66 -35.52 -3.03
CA GLY K 65 1.37 -34.71 -2.05
C GLY K 65 0.75 -34.71 -0.66
N PRO K 66 1.58 -34.51 0.38
CA PRO K 66 1.07 -34.42 1.75
C PRO K 66 0.45 -33.06 1.97
N LYS K 67 -0.82 -33.02 2.36
CA LYS K 67 -1.57 -31.78 2.45
C LYS K 67 -2.85 -32.04 3.23
N THR K 68 -3.37 -31.00 3.88
CA THR K 68 -4.59 -31.11 4.66
C THR K 68 -5.76 -31.68 3.83
N ALA K 69 -5.97 -31.11 2.64
CA ALA K 69 -7.10 -31.46 1.78
C ALA K 69 -7.29 -32.94 1.44
N SER K 70 -8.54 -33.29 1.12
CA SER K 70 -8.91 -34.62 0.68
C SER K 70 -9.19 -34.57 -0.83
N VAL K 71 -8.12 -34.67 -1.61
CA VAL K 71 -8.14 -34.51 -3.07
C VAL K 71 -8.71 -35.74 -3.78
N ARG K 72 -9.93 -35.66 -4.28
CA ARG K 72 -10.53 -36.86 -4.87
C ARG K 72 -10.11 -37.04 -6.32
N GLN K 73 -10.00 -35.95 -7.06
CA GLN K 73 -9.50 -36.03 -8.42
C GLN K 73 -8.76 -34.76 -8.85
N VAL K 74 -7.78 -34.93 -9.72
CA VAL K 74 -7.17 -33.80 -10.41
C VAL K 74 -7.25 -34.05 -11.89
N ARG K 75 -7.86 -33.12 -12.61
CA ARG K 75 -7.99 -33.24 -14.06
C ARG K 75 -7.08 -32.20 -14.70
N ARG K 76 -6.12 -32.64 -15.51
CA ARG K 76 -5.35 -31.66 -16.26
C ARG K 76 -6.09 -31.19 -17.51
N LEU K 77 -6.05 -29.89 -17.75
CA LEU K 77 -6.68 -29.28 -18.92
C LEU K 77 -5.67 -28.53 -19.76
N SER K 78 -5.84 -28.58 -21.08
CA SER K 78 -4.90 -27.93 -21.98
C SER K 78 -5.16 -26.45 -21.91
N SER K 79 -4.09 -25.68 -22.03
CA SER K 79 -4.15 -24.23 -21.88
C SER K 79 -3.22 -23.55 -22.85
N GLU K 80 -3.72 -22.48 -23.48
CA GLU K 80 -2.99 -21.78 -24.51
C GLU K 80 -2.56 -20.38 -24.06
N LEU K 81 -2.74 -20.10 -22.78
CA LEU K 81 -2.40 -18.78 -22.26
C LEU K 81 -0.90 -18.66 -22.01
N GLU K 82 -0.30 -17.63 -22.59
CA GLU K 82 1.13 -17.37 -22.41
C GLU K 82 1.36 -16.02 -21.76
N HIS K 83 0.61 -15.77 -20.69
CA HIS K 83 0.69 -14.51 -19.95
C HIS K 83 1.63 -14.64 -18.75
N ASP K 84 2.39 -13.58 -18.50
CA ASP K 84 3.29 -13.51 -17.36
C ASP K 84 2.52 -13.19 -16.09
N TYR K 85 2.23 -14.21 -15.30
CA TYR K 85 1.55 -14.01 -14.03
C TYR K 85 2.55 -13.57 -12.95
N GLN K 86 2.08 -12.69 -12.06
CA GLN K 86 2.89 -12.21 -10.95
C GLN K 86 2.75 -13.16 -9.77
N GLY K 87 3.87 -13.76 -9.35
CA GLY K 87 3.88 -14.68 -8.23
C GLY K 87 2.92 -15.83 -8.43
N PHE K 88 2.22 -16.20 -7.36
CA PHE K 88 1.24 -17.30 -7.37
C PHE K 88 0.05 -16.98 -6.43
N GLU K 89 -1.03 -16.43 -6.97
CA GLU K 89 -2.07 -15.75 -6.18
C GLU K 89 -3.28 -16.60 -5.80
N ILE K 90 -3.90 -16.31 -4.66
CA ILE K 90 -5.13 -17.00 -4.27
C ILE K 90 -6.38 -16.23 -4.71
N LEU K 91 -7.09 -16.80 -5.69
CA LEU K 91 -8.22 -16.16 -6.40
C LEU K 91 -7.74 -15.21 -7.49
N GLN L 4 -14.71 -21.97 15.53
CA GLN L 4 -14.34 -21.55 16.88
C GLN L 4 -12.86 -21.16 17.02
N CYS L 5 -12.53 -20.49 18.11
CA CYS L 5 -11.18 -19.99 18.30
C CYS L 5 -10.51 -20.50 19.58
N SER L 6 -9.25 -20.89 19.46
CA SER L 6 -8.51 -21.43 20.59
C SER L 6 -7.26 -20.59 20.86
N LYS L 7 -6.74 -20.63 22.08
CA LYS L 7 -5.60 -19.79 22.44
C LYS L 7 -4.47 -20.63 23.04
N PHE L 8 -3.24 -20.35 22.61
CA PHE L 8 -2.14 -21.22 23.00
C PHE L 8 -1.02 -20.43 23.57
N ILE L 9 -0.65 -20.74 24.80
CA ILE L 9 0.53 -20.12 25.35
C ILE L 9 1.69 -21.09 25.16
N VAL L 10 2.69 -20.64 24.41
CA VAL L 10 3.90 -21.43 24.23
C VAL L 10 5.00 -20.79 25.04
N SER L 11 5.69 -21.60 25.84
CA SER L 11 6.79 -21.13 26.67
C SER L 11 8.02 -21.90 26.28
N GLY L 12 9.18 -21.28 26.38
CA GLY L 12 10.38 -21.95 25.95
C GLY L 12 11.42 -21.00 25.41
N HIS L 13 12.07 -21.40 24.32
CA HIS L 13 12.94 -20.52 23.58
C HIS L 13 12.16 -20.25 22.32
N VAL L 14 11.16 -19.39 22.42
CA VAL L 14 10.21 -19.24 21.34
C VAL L 14 10.33 -17.93 20.55
N GLN L 15 10.89 -16.90 21.16
CA GLN L 15 11.06 -15.64 20.45
C GLN L 15 12.39 -15.59 19.72
N GLY L 16 12.35 -15.09 18.48
CA GLY L 16 13.54 -14.87 17.66
C GLY L 16 14.06 -16.08 16.90
N VAL L 17 13.20 -17.08 16.73
CA VAL L 17 13.66 -18.34 16.20
C VAL L 17 12.65 -18.80 15.18
N GLY L 18 12.12 -17.80 14.48
CA GLY L 18 11.23 -18.01 13.36
C GLY L 18 9.96 -18.67 13.83
N PHE L 19 9.71 -18.65 15.14
CA PHE L 19 8.65 -19.46 15.68
C PHE L 19 7.32 -19.00 15.14
N CYS L 20 7.16 -17.67 15.10
CA CYS L 20 5.93 -17.01 14.66
C CYS L 20 5.62 -17.24 13.19
N TYR L 21 6.55 -16.83 12.35
CA TYR L 21 6.53 -17.14 10.94
C TYR L 21 6.11 -18.60 10.71
N HIS L 22 6.82 -19.50 11.39
CA HIS L 22 6.62 -20.94 11.19
C HIS L 22 5.21 -21.37 11.62
N THR L 23 4.80 -20.93 12.80
CA THR L 23 3.48 -21.22 13.33
C THR L 23 2.41 -20.75 12.38
N SER L 24 2.57 -19.54 11.85
CA SER L 24 1.57 -19.00 10.93
C SER L 24 1.63 -19.75 9.59
N HIS L 25 2.84 -20.05 9.13
CA HIS L 25 2.98 -20.88 7.94
C HIS L 25 2.17 -22.17 8.11
N GLN L 26 2.44 -22.86 9.21
CA GLN L 26 1.77 -24.11 9.53
C GLN L 26 0.25 -23.96 9.59
N GLY L 27 -0.24 -22.83 10.08
CA GLY L 27 -1.67 -22.60 10.22
C GLY L 27 -2.38 -22.30 8.91
N LEU L 28 -1.83 -21.38 8.13
CA LEU L 28 -2.36 -21.05 6.81
C LEU L 28 -2.45 -22.29 5.92
N LYS L 29 -1.69 -23.32 6.29
CA LYS L 29 -1.59 -24.58 5.56
C LYS L 29 -2.65 -25.56 6.04
N LEU L 30 -3.20 -25.27 7.22
CA LEU L 30 -4.23 -26.12 7.77
C LEU L 30 -5.61 -25.49 7.50
N GLY L 31 -5.60 -24.24 7.03
CA GLY L 31 -6.82 -23.52 6.78
C GLY L 31 -7.15 -22.62 7.95
N LEU L 32 -6.26 -22.55 8.92
CA LEU L 32 -6.50 -21.72 10.10
C LEU L 32 -6.23 -20.22 9.89
N THR L 33 -6.91 -19.44 10.71
CA THR L 33 -6.74 -18.00 10.76
C THR L 33 -6.40 -17.66 12.20
N GLY L 34 -5.57 -16.66 12.41
CA GLY L 34 -5.34 -16.16 13.76
C GLY L 34 -4.10 -15.31 13.86
N TYR L 35 -3.52 -15.23 15.06
CA TYR L 35 -2.22 -14.58 15.21
C TYR L 35 -1.21 -15.32 16.08
N ALA L 36 0.04 -14.87 16.00
CA ALA L 36 1.09 -15.30 16.92
C ALA L 36 1.76 -14.05 17.49
N LYS L 37 1.39 -13.68 18.72
CA LYS L 37 1.87 -12.44 19.32
C LYS L 37 3.00 -12.67 20.31
N ASN L 38 4.06 -11.87 20.21
CA ASN L 38 5.15 -11.95 21.19
C ASN L 38 4.73 -11.22 22.44
N LEU L 39 4.87 -11.94 23.55
CA LEU L 39 4.38 -11.52 24.86
C LEU L 39 5.63 -11.03 25.54
N ASN L 40 5.48 -10.29 26.62
CA ASN L 40 6.64 -9.69 27.27
C ASN L 40 7.49 -10.66 28.08
N ASN L 41 6.83 -11.58 28.76
CA ASN L 41 7.52 -12.56 29.59
C ASN L 41 8.47 -13.42 28.79
N GLY L 42 8.18 -13.60 27.52
CA GLY L 42 9.07 -14.35 26.67
C GLY L 42 8.32 -15.38 25.88
N ASP L 43 7.06 -15.60 26.25
CA ASP L 43 6.22 -16.58 25.59
C ASP L 43 5.68 -16.05 24.27
N VAL L 44 5.17 -16.99 23.48
CA VAL L 44 4.36 -16.65 22.32
C VAL L 44 2.93 -17.13 22.57
N GLU L 45 2.01 -16.18 22.47
CA GLU L 45 0.58 -16.43 22.40
C GLU L 45 0.23 -16.77 20.94
N VAL L 46 -0.67 -17.70 20.75
CA VAL L 46 -1.04 -18.10 19.42
C VAL L 46 -2.55 -18.26 19.47
N VAL L 47 -3.30 -17.40 18.78
CA VAL L 47 -4.73 -17.59 18.68
C VAL L 47 -5.03 -18.12 17.29
N ALA L 48 -5.95 -19.08 17.20
CA ALA L 48 -6.18 -19.79 15.95
C ALA L 48 -7.63 -20.17 15.86
N CYS L 49 -8.23 -19.98 14.69
CA CYS L 49 -9.61 -20.38 14.46
C CYS L 49 -9.73 -21.24 13.21
N GLY L 50 -10.54 -22.29 13.31
CA GLY L 50 -10.81 -23.16 12.18
C GLY L 50 -11.78 -24.20 12.68
N THR L 51 -11.89 -25.32 11.97
CA THR L 51 -12.62 -26.45 12.51
C THR L 51 -11.73 -27.05 13.62
N PRO L 52 -12.35 -27.64 14.66
CA PRO L 52 -11.62 -28.16 15.82
C PRO L 52 -10.51 -29.15 15.47
N GLU L 53 -10.81 -30.17 14.66
CA GLU L 53 -9.84 -31.20 14.31
C GLU L 53 -8.59 -30.58 13.71
N ARG L 54 -8.77 -29.43 13.07
CA ARG L 54 -7.64 -28.66 12.57
C ARG L 54 -6.85 -27.99 13.71
N LEU L 55 -7.54 -27.48 14.73
CA LEU L 55 -6.86 -26.82 15.82
C LEU L 55 -6.13 -27.86 16.66
N GLU L 56 -6.65 -29.09 16.63
CA GLU L 56 -5.97 -30.18 17.30
C GLU L 56 -4.67 -30.45 16.58
N GLU L 57 -4.73 -30.55 15.25
CA GLU L 57 -3.55 -30.68 14.40
C GLU L 57 -2.50 -29.64 14.79
N LEU L 58 -2.90 -28.37 14.75
CA LEU L 58 -2.01 -27.26 15.07
C LEU L 58 -1.43 -27.42 16.45
N TYR L 59 -2.27 -27.72 17.44
CA TYR L 59 -1.83 -27.94 18.82
C TYR L 59 -0.70 -28.98 18.91
N LEU L 60 -0.94 -30.13 18.29
CA LEU L 60 0.03 -31.21 18.16
C LEU L 60 1.33 -30.79 17.45
N TRP L 61 1.24 -29.82 16.55
CA TRP L 61 2.43 -29.32 15.88
C TRP L 61 3.17 -28.45 16.87
N LEU L 62 2.42 -27.60 17.57
CA LEU L 62 3.04 -26.67 18.49
C LEU L 62 3.88 -27.42 19.53
N GLN L 63 3.38 -28.60 19.91
CA GLN L 63 4.04 -29.48 20.87
C GLN L 63 5.15 -30.24 20.16
N GLU L 64 4.79 -31.21 19.33
CA GLU L 64 5.78 -32.12 18.70
C GLU L 64 6.46 -31.64 17.41
N GLY L 65 5.79 -30.79 16.64
CA GLY L 65 6.24 -30.41 15.30
C GLY L 65 7.70 -29.99 15.16
N PRO L 66 8.33 -30.37 14.04
CA PRO L 66 9.73 -30.02 13.84
C PRO L 66 9.87 -28.54 13.59
N LYS L 67 10.57 -27.86 14.48
CA LYS L 67 10.78 -26.43 14.34
C LYS L 67 12.15 -26.01 14.88
N THR L 68 12.55 -24.79 14.61
CA THR L 68 13.85 -24.30 15.03
C THR L 68 13.80 -24.00 16.53
N ALA L 69 12.60 -23.70 17.04
CA ALA L 69 12.41 -23.27 18.43
C ALA L 69 12.48 -24.42 19.42
N SER L 70 12.80 -24.07 20.67
CA SER L 70 12.95 -25.02 21.78
C SER L 70 11.75 -24.98 22.73
N VAL L 71 10.71 -25.72 22.39
CA VAL L 71 9.44 -25.59 23.08
C VAL L 71 9.44 -26.34 24.41
N ARG L 72 9.15 -25.63 25.49
CA ARG L 72 9.07 -26.28 26.79
C ARG L 72 7.64 -26.67 27.13
N GLN L 73 6.70 -25.74 27.05
CA GLN L 73 5.31 -26.10 27.32
C GLN L 73 4.32 -25.51 26.33
N VAL L 74 3.21 -26.24 26.12
CA VAL L 74 2.11 -25.70 25.29
C VAL L 74 0.78 -25.82 26.04
N ARG L 75 0.40 -24.75 26.72
CA ARG L 75 -0.90 -24.65 27.38
C ARG L 75 -1.99 -24.05 26.48
N ARG L 76 -3.06 -24.81 26.25
CA ARG L 76 -4.22 -24.29 25.51
C ARG L 76 -5.21 -23.69 26.50
N LEU L 77 -5.26 -22.37 26.55
CA LEU L 77 -6.23 -21.71 27.40
C LEU L 77 -7.59 -21.74 26.73
N SER L 78 -8.63 -21.81 27.55
CA SER L 78 -9.97 -21.67 27.01
C SER L 78 -10.13 -20.23 26.71
N SER L 79 -11.13 -19.94 25.88
CA SER L 79 -11.84 -18.66 25.80
C SER L 79 -12.64 -18.48 24.51
N GLU L 80 -13.54 -17.51 24.57
CA GLU L 80 -14.73 -17.50 23.76
C GLU L 80 -14.77 -16.44 22.69
N LEU L 81 -13.65 -16.22 22.01
CA LEU L 81 -13.67 -15.28 20.90
C LEU L 81 -14.19 -15.92 19.61
N GLU L 82 -15.07 -15.18 18.94
CA GLU L 82 -15.78 -15.64 17.76
C GLU L 82 -15.63 -14.61 16.66
N HIS L 83 -14.57 -13.83 16.75
CA HIS L 83 -14.21 -12.90 15.69
C HIS L 83 -13.64 -13.65 14.50
N ASP L 84 -13.80 -13.04 13.33
CA ASP L 84 -13.20 -13.57 12.13
C ASP L 84 -11.90 -12.88 11.85
N TYR L 85 -10.80 -13.59 12.07
CA TYR L 85 -9.49 -13.01 11.82
C TYR L 85 -9.13 -13.02 10.32
N GLN L 86 -8.32 -12.03 9.97
CA GLN L 86 -7.79 -11.82 8.63
C GLN L 86 -7.03 -13.02 8.10
N GLY L 87 -5.73 -13.06 8.35
CA GLY L 87 -4.91 -14.15 7.85
C GLY L 87 -4.33 -14.87 9.03
N PHE L 88 -3.01 -15.03 9.03
CA PHE L 88 -2.33 -15.43 10.25
C PHE L 88 -1.19 -14.44 10.45
N GLU L 89 -1.39 -13.46 11.32
CA GLU L 89 -0.42 -12.39 11.41
C GLU L 89 0.57 -12.58 12.56
N ILE L 90 1.65 -11.80 12.52
CA ILE L 90 2.64 -11.85 13.57
C ILE L 90 2.67 -10.53 14.34
N LEU L 91 2.06 -10.50 15.52
CA LEU L 91 1.97 -9.25 16.27
C LEU L 91 3.01 -9.20 17.38
S SO4 M . 1.02 -8.35 -21.67
O1 SO4 M . 2.25 -9.15 -21.77
O2 SO4 M . 1.35 -6.95 -21.49
O3 SO4 M . 0.25 -8.81 -20.53
O4 SO4 M . 0.20 -8.52 -22.88
S SO4 N . -11.21 -18.17 -19.09
O1 SO4 N . -11.71 -18.53 -20.42
O2 SO4 N . -12.29 -17.56 -18.32
O3 SO4 N . -10.11 -17.22 -19.21
O4 SO4 N . -10.75 -19.38 -18.42
S SO4 O . -13.39 -14.34 -12.87
O1 SO4 O . -12.11 -14.03 -13.50
O2 SO4 O . -14.34 -14.74 -13.91
O3 SO4 O . -13.89 -13.17 -12.15
O4 SO4 O . -13.20 -15.45 -11.93
S SO4 P . -11.07 -23.09 -23.16
O1 SO4 P . -9.62 -23.22 -23.18
O2 SO4 P . -11.47 -21.67 -23.15
O3 SO4 P . -11.63 -23.71 -24.35
O4 SO4 P . -11.58 -23.72 -21.95
S SO4 Q . 14.33 9.22 -15.56
O1 SO4 Q . 15.46 9.25 -16.49
O2 SO4 Q . 13.95 10.59 -15.22
O3 SO4 Q . 13.16 8.60 -16.16
O4 SO4 Q . 14.70 8.49 -14.35
S SO4 R . 3.48 6.41 -26.65
O1 SO4 R . 4.65 7.26 -26.48
O2 SO4 R . 2.25 7.17 -26.84
O3 SO4 R . 3.74 5.57 -27.81
O4 SO4 R . 3.32 5.58 -25.46
S SO4 S . 27.05 2.06 -9.46
O1 SO4 S . 28.02 2.08 -8.37
O2 SO4 S . 27.30 3.20 -10.34
O3 SO4 S . 25.70 2.19 -8.93
O4 SO4 S . 27.20 0.81 -10.21
S SO4 T . 22.41 -2.71 -6.22
O1 SO4 T . 21.38 -3.73 -6.00
O2 SO4 T . 22.46 -1.80 -5.07
O3 SO4 T . 22.12 -1.96 -7.44
O4 SO4 T . 23.70 -3.39 -6.38
S SO4 U . 32.33 5.58 -11.27
O1 SO4 U . 33.21 6.74 -11.35
O2 SO4 U . 32.31 4.87 -12.55
O3 SO4 U . 30.97 6.02 -10.95
O4 SO4 U . 32.79 4.72 -10.18
S SO4 V . -8.45 12.09 -17.85
O1 SO4 V . -8.75 13.19 -18.80
O2 SO4 V . -8.71 12.60 -16.50
O3 SO4 V . -9.29 10.94 -18.16
O4 SO4 V . -7.04 11.67 -18.01
S SO4 W . -11.21 24.86 -8.67
O1 SO4 W . -11.87 23.63 -9.05
O2 SO4 W . -10.42 25.36 -9.78
O3 SO4 W . -10.31 24.60 -7.54
O4 SO4 W . -12.21 25.85 -8.29
S SO4 X . -6.55 22.82 -3.74
O1 SO4 X . -7.03 24.20 -3.85
O2 SO4 X . -6.65 22.15 -5.04
O3 SO4 X . -5.15 22.82 -3.31
O4 SO4 X . -7.35 22.11 -2.75
S SO4 Y . -15.30 28.34 -11.10
O1 SO4 Y . -15.60 27.80 -9.78
O2 SO4 Y . -14.83 29.72 -10.97
O3 SO4 Y . -14.25 27.53 -11.74
O4 SO4 Y . -16.51 28.32 -11.92
S SO4 Z . -15.76 14.40 9.24
O1 SO4 Z . -14.45 14.48 8.59
O2 SO4 Z . -16.59 15.54 8.84
O3 SO4 Z . -15.61 14.41 10.70
O4 SO4 Z . -16.39 13.14 8.85
S SO4 AA . -9.84 26.92 1.19
O1 SO4 AA . -10.27 26.70 2.56
O2 SO4 AA . -10.75 27.84 0.52
O3 SO4 AA . -8.46 27.42 1.17
O4 SO4 AA . -9.88 25.66 0.46
S SO4 BA . -11.37 32.39 4.07
O1 SO4 BA . -12.48 31.70 3.41
O2 SO4 BA . -10.10 31.97 3.49
O3 SO4 BA . -11.52 33.83 3.93
O4 SO4 BA . -11.42 32.07 5.50
S SO4 CA . -17.68 -7.71 13.37
O1 SO4 CA . -18.09 -8.83 12.53
O2 SO4 CA . -17.94 -6.47 12.67
O3 SO4 CA . -16.25 -7.86 13.69
O4 SO4 CA . -18.44 -7.66 14.60
S SO4 DA . -7.56 -9.91 25.62
O1 SO4 DA . -8.99 -10.16 25.83
O2 SO4 DA . -7.19 -8.62 26.22
O3 SO4 DA . -7.30 -9.89 24.18
O4 SO4 DA . -6.78 -10.97 26.25
S SO4 EA . -2.63 -5.90 23.32
O1 SO4 EA . -1.65 -6.85 22.77
O2 SO4 EA . -2.96 -6.28 24.69
O3 SO4 EA . -2.08 -4.56 23.33
O4 SO4 EA . -3.83 -5.94 22.50
S SO4 FA . -9.77 -13.91 28.89
O1 SO4 FA . -10.36 -12.60 28.62
O2 SO4 FA . -9.25 -13.88 30.25
O3 SO4 FA . -10.78 -14.96 28.77
O4 SO4 FA . -8.67 -14.17 27.96
S SO4 GA . -21.97 0.22 -7.40
O1 SO4 GA . -22.09 1.39 -8.26
O2 SO4 GA . -23.02 -0.75 -7.74
O3 SO4 GA . -20.66 -0.39 -7.59
O4 SO4 GA . -22.12 0.72 -6.04
S SO4 HA . -26.73 3.30 7.07
O1 SO4 HA . -25.32 3.48 6.80
O2 SO4 HA . -26.89 2.88 8.45
O3 SO4 HA . -27.42 4.57 6.88
O4 SO4 HA . -27.28 2.29 6.15
S SO4 IA . -19.44 -11.99 -16.90
O1 SO4 IA . -18.75 -11.70 -18.16
O2 SO4 IA . -20.84 -11.61 -17.06
O3 SO4 IA . -19.35 -13.42 -16.60
O4 SO4 IA . -18.85 -11.21 -15.82
S SO4 JA . 1.71 11.52 20.03
O1 SO4 JA . 0.85 10.54 19.37
O2 SO4 JA . 3.04 11.47 19.42
O3 SO4 JA . 1.13 12.85 19.83
O4 SO4 JA . 1.78 11.24 21.48
S SO4 KA . 15.87 16.71 15.47
O1 SO4 KA . 15.17 15.59 14.84
O2 SO4 KA . 14.96 17.87 15.49
O3 SO4 KA . 17.08 16.98 14.72
O4 SO4 KA . 16.21 16.34 16.85
S SO4 LA . -4.27 -0.80 28.70
O1 SO4 LA . -4.10 0.64 28.85
O2 SO4 LA . -3.17 -1.48 29.36
O3 SO4 LA . -5.54 -1.24 29.29
O4 SO4 LA . -4.29 -1.13 27.28
S SO4 MA . -6.41 1.17 34.04
O1 SO4 MA . -7.32 1.90 34.91
O2 SO4 MA . -6.37 1.81 32.73
O3 SO4 MA . -6.90 -0.20 33.84
O4 SO4 MA . -5.07 1.21 34.63
S SO4 NA . 10.58 20.72 1.41
O1 SO4 NA . 11.83 20.50 0.65
O2 SO4 NA . 10.42 22.15 1.65
O3 SO4 NA . 10.60 20.08 2.71
O4 SO4 NA . 9.44 20.23 0.63
S SO4 OA . -1.99 27.75 -5.34
O1 SO4 OA . -3.29 28.03 -4.76
O2 SO4 OA . -1.32 29.01 -5.66
O3 SO4 OA . -1.15 27.03 -4.40
O4 SO4 OA . -2.15 26.94 -6.55
S SO4 PA . -0.50 32.58 -8.05
O1 SO4 PA . 0.56 33.45 -8.56
O2 SO4 PA . -1.18 31.90 -9.14
O3 SO4 PA . -1.45 33.39 -7.29
O4 SO4 PA . 0.13 31.62 -7.15
S SO4 QA . 20.50 2.57 10.66
O1 SO4 QA . 20.19 1.93 9.39
O2 SO4 QA . 20.32 1.63 11.76
O3 SO4 QA . 19.58 3.64 10.97
O4 SO4 QA . 21.90 2.99 10.56
S SO4 RA . 28.14 -4.10 -1.32
O1 SO4 RA . 28.38 -5.54 -1.45
O2 SO4 RA . 28.71 -3.41 -2.49
O3 SO4 RA . 26.70 -3.86 -1.27
O4 SO4 RA . 28.75 -3.58 -0.10
S SO4 SA . 33.20 -6.90 0.25
O1 SO4 SA . 33.45 -5.57 -0.31
O2 SO4 SA . 32.58 -6.77 1.57
O3 SO4 SA . 34.47 -7.59 0.40
O4 SO4 SA . 32.35 -7.68 -0.65
S SO4 TA . 13.13 -17.73 -7.56
O1 SO4 TA . 14.43 -18.35 -7.88
O2 SO4 TA . 13.12 -16.35 -8.04
O3 SO4 TA . 12.03 -18.45 -8.19
O4 SO4 TA . 12.88 -17.78 -6.14
S SO4 UA . 7.23 -26.25 4.14
O1 SO4 UA . 5.78 -26.24 4.30
O2 SO4 UA . 7.62 -25.31 3.10
O3 SO4 UA . 7.58 -27.61 3.73
O4 SO4 UA . 7.89 -25.85 5.38
S SO4 VA . 25.36 -8.03 -10.53
O1 SO4 VA . 26.60 -7.64 -9.86
O2 SO4 VA . 25.49 -9.35 -11.15
O3 SO4 VA . 24.29 -8.08 -9.53
O4 SO4 VA . 25.03 -7.05 -11.56
S SO4 WA . 29.31 -10.62 -14.92
O1 SO4 WA . 30.66 -11.15 -14.74
O2 SO4 WA . 28.63 -11.36 -16.00
O3 SO4 WA . 29.40 -9.21 -15.27
O4 SO4 WA . 28.58 -10.77 -13.68
S SO4 XA . -7.44 -21.70 1.40
O1 SO4 XA . -8.12 -21.70 2.69
O2 SO4 XA . -8.05 -20.68 0.53
O3 SO4 XA . -7.62 -23.03 0.82
O4 SO4 XA . -6.02 -21.40 1.56
S SO4 YA . -17.37 -20.07 -10.85
O1 SO4 YA . -17.09 -21.27 -10.07
O2 SO4 YA . -16.85 -20.23 -12.22
O3 SO4 YA . -18.82 -19.87 -10.89
O4 SO4 YA . -16.72 -18.94 -10.21
S SO4 ZA . -22.09 -24.50 -10.40
O1 SO4 ZA . -20.95 -23.95 -9.66
O2 SO4 ZA . -22.65 -23.45 -11.26
O3 SO4 ZA . -21.65 -25.62 -11.23
O4 SO4 ZA . -23.10 -24.95 -9.43
S SO4 AB . 9.88 -14.76 14.87
O1 SO4 AB . 9.41 -15.49 13.69
O2 SO4 AB . 11.21 -14.25 14.54
O3 SO4 AB . 9.97 -15.65 16.04
O4 SO4 AB . 8.96 -13.70 15.25
S SO4 BB . 2.18 -8.44 27.31
O1 SO4 BB . 2.03 -7.10 27.85
O2 SO4 BB . 1.09 -8.71 26.35
O3 SO4 BB . 2.12 -9.39 28.40
O4 SO4 BB . 3.46 -8.55 26.62
S SO4 CB . 5.22 -9.80 32.34
O1 SO4 CB . 4.35 -10.50 33.29
O2 SO4 CB . 4.87 -10.20 30.99
O3 SO4 CB . 5.05 -8.35 32.53
O4 SO4 CB . 6.63 -10.13 32.60
#